data_6WBD
#
_entry.id   6WBD
#
_cell.length_a   127.160
_cell.length_b   127.160
_cell.length_c   158.700
_cell.angle_alpha   90.000
_cell.angle_beta   90.000
_cell.angle_gamma   120.000
#
_symmetry.space_group_name_H-M   'P 31 2 1'
#
loop_
_entity.id
_entity.type
_entity.pdbx_description
1 polymer 'Lysine--tRNA ligase'
2 non-polymer LYSINE
3 non-polymer 1,2-ETHANEDIOL
4 non-polymer 'CHLORIDE ION'
5 water water
#
_entity_poly.entity_id   1
_entity_poly.type   'polypeptide(L)'
_entity_poly.pdbx_seq_one_letter_code
;MAHHHHHHMSEATDTPPVDENKLIAERREKLKALRGQGIAYPNDFRREDFAGRLQEEFADAETWTAEALEGNGRQVKMAG
RLMAKRIMGKASFAQIQDESGRIQLFLQGAVLGDAYTAFKGWDVGDIIAVEGGLTRTKTGELSVKAESIRLLTKSLRPLP
DKWHGLADVEQRYRQRYVDLIVTPESRAVFIKRSKIIRAMRAWLDNRDFLEVETPMMHYIPGGAAAKPFTTHHNALDLDL
YLRVAPELYLKRLTVGGLERVYEINRNFRNEGVSTRHNPEFTMMELYEAYATYNEIMDLTEGVIRDVAKAVNGGTEVEWD
GAKIDLGPAFRRWRMDEAVRHHNPEISAADCTDRDALLRHCERLKIRVKPSYGWGKLLLEIFEATVEHTLIQPTFITDHP
VEVSPLARANDNDPGYTDRFELFVNGKELANGFSELNDPEDQAQRFQAQVAAKEGGDDEAMHYDADYIRALEYGMAPTGG
LGIGVDRLVMLLTGSSSIRDVLLFPYMRPEQ
;
_entity_poly.pdbx_strand_id   A,B
#
loop_
_chem_comp.id
_chem_comp.type
_chem_comp.name
_chem_comp.formula
CL non-polymer 'CHLORIDE ION' 'Cl -1'
EDO non-polymer 1,2-ETHANEDIOL 'C2 H6 O2'
#
# COMPACT_ATOMS: atom_id res chain seq x y z
N ASP A 19 -34.69 -7.29 24.19
CA ASP A 19 -35.84 -7.36 23.29
C ASP A 19 -35.39 -7.43 21.84
N GLU A 20 -34.07 -7.35 21.62
CA GLU A 20 -33.54 -7.25 20.26
C GLU A 20 -33.76 -8.53 19.47
N ASN A 21 -33.64 -9.69 20.13
CA ASN A 21 -33.80 -10.96 19.41
C ASN A 21 -35.24 -11.15 18.92
N LYS A 22 -36.21 -10.56 19.61
CA LYS A 22 -37.58 -10.58 19.09
C LYS A 22 -37.72 -9.65 17.90
N LEU A 23 -37.04 -8.50 17.92
CA LEU A 23 -37.05 -7.61 16.77
C LEU A 23 -36.44 -8.30 15.55
N ILE A 24 -35.35 -9.03 15.75
CA ILE A 24 -34.73 -9.77 14.66
C ILE A 24 -35.71 -10.80 14.10
N ALA A 25 -36.49 -11.44 14.98
CA ALA A 25 -37.46 -12.43 14.51
C ALA A 25 -38.56 -11.80 13.68
N GLU A 26 -39.06 -10.62 14.09
CA GLU A 26 -40.09 -9.95 13.31
C GLU A 26 -39.55 -9.54 11.94
N ARG A 27 -38.32 -9.04 11.88
CA ARG A 27 -37.75 -8.66 10.59
C ARG A 27 -37.53 -9.87 9.70
N ARG A 28 -37.12 -11.00 10.30
CA ARG A 28 -36.98 -12.22 9.52
C ARG A 28 -38.32 -12.68 8.96
N GLU A 29 -39.39 -12.56 9.75
CA GLU A 29 -40.72 -12.88 9.24
C GLU A 29 -41.10 -11.97 8.08
N LYS A 30 -40.73 -10.69 8.16
CA LYS A 30 -40.97 -9.78 7.02
C LYS A 30 -40.20 -10.23 5.79
N LEU A 31 -38.94 -10.66 5.97
CA LEU A 31 -38.17 -11.18 4.84
C LEU A 31 -38.84 -12.41 4.24
N LYS A 32 -39.37 -13.30 5.08
CA LYS A 32 -40.06 -14.48 4.56
C LYS A 32 -41.22 -14.09 3.66
N ALA A 33 -42.02 -13.10 4.08
CA ALA A 33 -43.10 -12.63 3.23
C ALA A 33 -42.55 -11.99 1.97
N LEU A 34 -41.42 -11.29 2.08
CA LEU A 34 -40.81 -10.66 0.91
C LEU A 34 -40.41 -11.72 -0.12
N ARG A 35 -39.75 -12.79 0.33
CA ARG A 35 -39.37 -13.85 -0.60
C ARG A 35 -40.60 -14.49 -1.25
N GLY A 36 -41.72 -14.53 -0.52
CA GLY A 36 -42.94 -15.06 -1.10
C GLY A 36 -43.48 -14.20 -2.22
N GLN A 37 -43.18 -12.90 -2.21
CA GLN A 37 -43.70 -12.00 -3.24
C GLN A 37 -42.76 -11.83 -4.42
N GLY A 38 -41.50 -12.23 -4.32
CA GLY A 38 -40.59 -12.08 -5.44
C GLY A 38 -39.14 -12.19 -4.99
N ILE A 39 -38.27 -11.52 -5.75
CA ILE A 39 -36.84 -11.49 -5.46
C ILE A 39 -36.62 -10.52 -4.32
N ALA A 40 -36.20 -11.04 -3.16
CA ALA A 40 -36.10 -10.20 -1.97
C ALA A 40 -34.87 -9.31 -1.99
N TYR A 41 -33.79 -9.74 -2.64
CA TYR A 41 -32.54 -8.98 -2.71
C TYR A 41 -32.26 -8.60 -4.16
N PRO A 42 -33.05 -7.69 -4.74
CA PRO A 42 -32.82 -7.31 -6.13
C PRO A 42 -31.56 -6.47 -6.28
N ASN A 43 -31.03 -6.44 -7.51
CA ASN A 43 -29.81 -5.69 -7.76
C ASN A 43 -29.92 -4.89 -9.06
N ASP A 44 -31.13 -4.50 -9.45
CA ASP A 44 -31.39 -3.90 -10.75
C ASP A 44 -31.71 -2.40 -10.66
N PHE A 45 -31.20 -1.72 -9.63
CA PHE A 45 -31.42 -0.28 -9.51
C PHE A 45 -30.12 0.44 -9.80
N ARG A 46 -30.14 1.36 -10.77
CA ARG A 46 -28.98 2.19 -11.11
C ARG A 46 -29.07 3.49 -10.33
N ARG A 47 -28.29 3.61 -9.27
CA ARG A 47 -28.26 4.85 -8.50
C ARG A 47 -27.53 5.92 -9.29
N GLU A 48 -28.14 7.10 -9.41
CA GLU A 48 -27.53 8.22 -10.11
C GLU A 48 -27.23 9.45 -9.25
N ASP A 49 -28.04 9.75 -8.24
CA ASP A 49 -27.84 10.98 -7.47
C ASP A 49 -27.43 10.69 -6.04
N PHE A 50 -26.73 11.66 -5.44
CA PHE A 50 -26.16 11.55 -4.10
C PHE A 50 -26.71 12.66 -3.21
N ALA A 51 -27.11 12.30 -1.99
CA ALA A 51 -27.77 13.25 -1.11
C ALA A 51 -26.88 14.45 -0.82
N GLY A 52 -25.64 14.21 -0.42
CA GLY A 52 -24.76 15.31 -0.06
C GLY A 52 -24.51 16.28 -1.20
N ARG A 53 -24.55 15.78 -2.44
CA ARG A 53 -24.31 16.66 -3.57
C ARG A 53 -25.54 17.48 -3.91
N LEU A 54 -26.73 16.92 -3.68
CA LEU A 54 -27.96 17.68 -3.86
C LEU A 54 -28.08 18.78 -2.81
N GLN A 55 -27.73 18.47 -1.55
CA GLN A 55 -27.74 19.48 -0.51
C GLN A 55 -26.83 20.65 -0.87
N GLU A 56 -25.63 20.36 -1.39
CA GLU A 56 -24.74 21.44 -1.82
C GLU A 56 -25.34 22.21 -2.99
N GLU A 57 -25.85 21.49 -4.00
CA GLU A 57 -26.37 22.16 -5.19
C GLU A 57 -27.53 23.09 -4.87
N PHE A 58 -28.33 22.77 -3.86
CA PHE A 58 -29.54 23.53 -3.57
C PHE A 58 -29.51 24.15 -2.17
N ALA A 59 -28.31 24.43 -1.66
CA ALA A 59 -28.16 25.00 -0.33
C ALA A 59 -28.76 26.40 -0.24
N ASP A 60 -28.73 27.15 -1.34
CA ASP A 60 -29.24 28.53 -1.36
C ASP A 60 -30.76 28.49 -1.44
N ALA A 61 -31.41 28.47 -0.28
CA ALA A 61 -32.86 28.37 -0.23
C ALA A 61 -33.55 29.65 -0.68
N GLU A 62 -32.84 30.78 -0.70
CA GLU A 62 -33.43 32.00 -1.25
C GLU A 62 -33.66 31.86 -2.76
N THR A 63 -32.66 31.35 -3.48
CA THR A 63 -32.87 31.00 -4.88
C THR A 63 -33.79 29.80 -5.01
N TRP A 64 -33.55 28.76 -4.22
CA TRP A 64 -34.21 27.47 -4.42
C TRP A 64 -35.32 27.28 -3.40
N THR A 65 -36.34 28.12 -3.56
CA THR A 65 -37.59 27.93 -2.84
C THR A 65 -38.28 26.65 -3.31
N ALA A 66 -39.32 26.26 -2.58
CA ALA A 66 -40.12 25.10 -2.98
C ALA A 66 -40.66 25.26 -4.39
N GLU A 67 -41.14 26.46 -4.72
CA GLU A 67 -41.72 26.68 -6.05
C GLU A 67 -40.66 26.62 -7.14
N ALA A 68 -39.45 27.10 -6.85
CA ALA A 68 -38.38 27.05 -7.86
C ALA A 68 -37.84 25.63 -8.03
N LEU A 69 -37.79 24.85 -6.95
CA LEU A 69 -37.38 23.46 -7.07
C LEU A 69 -38.40 22.65 -7.85
N GLU A 70 -39.68 22.77 -7.47
CA GLU A 70 -40.72 22.02 -8.16
C GLU A 70 -40.86 22.43 -9.61
N GLY A 71 -40.50 23.68 -9.94
CA GLY A 71 -40.67 24.18 -11.29
C GLY A 71 -39.51 23.91 -12.22
N ASN A 72 -38.32 23.68 -11.67
CA ASN A 72 -37.16 23.48 -12.52
C ASN A 72 -37.15 22.11 -13.18
N GLY A 73 -37.94 21.16 -12.69
CA GLY A 73 -38.07 19.87 -13.33
C GLY A 73 -36.92 18.91 -13.10
N ARG A 74 -36.02 19.20 -12.16
CA ARG A 74 -34.98 18.25 -11.82
C ARG A 74 -35.61 16.98 -11.26
N GLN A 75 -35.17 15.84 -11.76
CA GLN A 75 -35.59 14.54 -11.26
C GLN A 75 -34.37 13.82 -10.73
N VAL A 76 -34.50 13.17 -9.58
CA VAL A 76 -33.38 12.47 -8.98
C VAL A 76 -33.70 10.99 -8.89
N LYS A 77 -32.64 10.21 -8.75
CA LYS A 77 -32.72 8.76 -8.69
C LYS A 77 -31.65 8.33 -7.71
N MET A 78 -32.05 7.93 -6.50
CA MET A 78 -31.08 7.75 -5.44
C MET A 78 -31.49 6.59 -4.56
N ALA A 79 -30.55 6.15 -3.73
CA ALA A 79 -30.80 5.04 -2.80
C ALA A 79 -30.04 5.31 -1.51
N GLY A 80 -30.61 4.84 -0.41
CA GLY A 80 -29.93 5.03 0.86
C GLY A 80 -30.58 4.21 1.95
N ARG A 81 -29.92 4.21 3.11
CA ARG A 81 -30.43 3.53 4.29
C ARG A 81 -31.50 4.37 4.95
N LEU A 82 -32.63 3.75 5.26
CA LEU A 82 -33.75 4.44 5.90
C LEU A 82 -33.38 4.74 7.36
N MET A 83 -33.27 6.02 7.69
CA MET A 83 -32.82 6.41 9.03
C MET A 83 -33.94 6.92 9.93
N ALA A 84 -35.04 7.39 9.36
CA ALA A 84 -36.13 7.94 10.17
C ALA A 84 -37.41 7.96 9.35
N LYS A 85 -38.53 7.78 10.06
CA LYS A 85 -39.86 7.79 9.46
C LYS A 85 -40.80 8.64 10.31
N ARG A 86 -41.72 9.33 9.64
CA ARG A 86 -42.76 10.10 10.33
C ARG A 86 -44.04 9.93 9.53
N ILE A 87 -44.93 9.05 10.00
CA ILE A 87 -46.18 8.74 9.32
CA ILE A 87 -46.16 8.75 9.30
C ILE A 87 -47.26 9.69 9.78
N MET A 88 -47.83 10.45 8.84
CA MET A 88 -48.90 11.40 9.16
C MET A 88 -50.15 11.08 8.36
N GLY A 89 -50.65 9.85 8.48
CA GLY A 89 -51.83 9.44 7.75
C GLY A 89 -51.57 9.25 6.27
N LYS A 90 -52.27 10.03 5.43
CA LYS A 90 -52.13 9.91 3.99
C LYS A 90 -50.79 10.42 3.46
N ALA A 91 -49.98 11.04 4.30
CA ALA A 91 -48.67 11.54 3.89
C ALA A 91 -47.65 11.21 4.96
N SER A 92 -46.39 11.05 4.55
CA SER A 92 -45.33 10.75 5.51
C SER A 92 -44.05 11.45 5.09
N PHE A 93 -43.14 11.58 6.05
CA PHE A 93 -41.77 12.01 5.79
C PHE A 93 -40.82 10.89 6.15
N ALA A 94 -39.66 10.88 5.49
CA ALA A 94 -38.62 9.90 5.74
C ALA A 94 -37.26 10.55 5.52
N GLN A 95 -36.23 9.96 6.12
CA GLN A 95 -34.86 10.38 5.88
C GLN A 95 -34.03 9.17 5.46
N ILE A 96 -33.25 9.33 4.40
CA ILE A 96 -32.33 8.28 3.97
C ILE A 96 -30.91 8.83 4.00
N GLN A 97 -29.94 7.91 4.03
CA GLN A 97 -28.52 8.24 4.11
C GLN A 97 -27.73 7.38 3.13
N ASP A 98 -26.99 8.01 2.22
CA ASP A 98 -26.07 7.26 1.39
C ASP A 98 -24.64 7.61 1.81
N GLU A 99 -23.67 7.34 0.94
CA GLU A 99 -22.29 7.62 1.31
C GLU A 99 -22.00 9.11 1.45
N SER A 100 -22.84 9.98 0.89
CA SER A 100 -22.53 11.40 0.79
C SER A 100 -23.29 12.26 1.80
N GLY A 101 -24.26 11.71 2.50
CA GLY A 101 -25.04 12.51 3.43
C GLY A 101 -26.46 11.99 3.52
N ARG A 102 -27.35 12.88 3.98
CA ARG A 102 -28.74 12.55 4.21
C ARG A 102 -29.65 13.52 3.45
N ILE A 103 -30.86 13.05 3.12
CA ILE A 103 -31.88 13.89 2.52
C ILE A 103 -33.24 13.40 2.97
N GLN A 104 -34.22 14.30 2.96
CA GLN A 104 -35.57 14.00 3.38
C GLN A 104 -36.41 13.57 2.18
N LEU A 105 -37.34 12.65 2.42
CA LEU A 105 -38.29 12.21 1.42
C LEU A 105 -39.69 12.62 1.84
N PHE A 106 -40.49 13.07 0.88
CA PHE A 106 -41.90 13.37 1.13
C PHE A 106 -42.74 12.38 0.33
N LEU A 107 -43.63 11.66 1.01
CA LEU A 107 -44.38 10.56 0.44
C LEU A 107 -45.87 10.80 0.62
N GLN A 108 -46.60 10.76 -0.49
CA GLN A 108 -48.04 10.90 -0.48
C GLN A 108 -48.67 9.58 -0.93
N GLY A 109 -49.60 9.06 -0.12
CA GLY A 109 -50.29 7.84 -0.50
C GLY A 109 -51.04 7.95 -1.81
N ALA A 110 -51.60 9.12 -2.09
CA ALA A 110 -52.33 9.33 -3.33
C ALA A 110 -51.43 9.22 -4.56
N VAL A 111 -50.12 9.36 -4.37
CA VAL A 111 -49.17 9.32 -5.48
C VAL A 111 -48.51 7.95 -5.58
N LEU A 112 -48.22 7.31 -4.45
CA LEU A 112 -47.42 6.10 -4.43
C LEU A 112 -48.24 4.81 -4.33
N GLY A 113 -49.50 4.87 -3.89
CA GLY A 113 -50.36 3.70 -3.90
C GLY A 113 -49.82 2.55 -3.06
N ASP A 114 -49.67 1.38 -3.68
CA ASP A 114 -49.18 0.20 -2.98
C ASP A 114 -47.80 0.43 -2.40
N ALA A 115 -46.96 1.23 -3.08
CA ALA A 115 -45.62 1.49 -2.55
C ALA A 115 -45.67 2.24 -1.23
N TYR A 116 -46.67 3.09 -1.03
CA TYR A 116 -46.85 3.76 0.26
C TYR A 116 -47.18 2.75 1.35
N THR A 117 -48.10 1.82 1.05
CA THR A 117 -48.42 0.75 1.99
C THR A 117 -47.17 -0.04 2.35
N ALA A 118 -46.34 -0.37 1.36
CA ALA A 118 -45.09 -1.05 1.66
C ALA A 118 -44.21 -0.20 2.55
N PHE A 119 -44.13 1.10 2.28
CA PHE A 119 -43.26 1.98 3.05
C PHE A 119 -43.62 1.98 4.52
N LYS A 120 -44.92 2.00 4.84
CA LYS A 120 -45.31 1.99 6.25
C LYS A 120 -44.85 0.72 6.95
N GLY A 121 -44.66 -0.37 6.21
CA GLY A 121 -44.14 -1.59 6.79
C GLY A 121 -42.63 -1.67 6.90
N TRP A 122 -41.90 -0.79 6.19
CA TRP A 122 -40.44 -0.83 6.20
C TRP A 122 -39.87 -0.41 7.56
N ASP A 123 -38.64 -0.82 7.81
CA ASP A 123 -37.98 -0.56 9.08
C ASP A 123 -36.77 0.36 8.89
N VAL A 124 -36.50 1.17 9.91
CA VAL A 124 -35.24 1.91 9.96
C VAL A 124 -34.10 0.92 9.84
N GLY A 125 -33.16 1.20 8.94
CA GLY A 125 -32.11 0.28 8.60
C GLY A 125 -32.26 -0.35 7.22
N ASP A 126 -33.48 -0.41 6.69
CA ASP A 126 -33.71 -0.94 5.35
C ASP A 126 -33.05 -0.05 4.29
N ILE A 127 -32.60 -0.67 3.20
CA ILE A 127 -32.01 0.03 2.07
C ILE A 127 -33.10 0.21 1.02
N ILE A 128 -33.41 1.45 0.67
CA ILE A 128 -34.50 1.74 -0.25
C ILE A 128 -34.01 2.64 -1.38
N ALA A 129 -34.76 2.62 -2.48
CA ALA A 129 -34.50 3.45 -3.65
C ALA A 129 -35.72 4.31 -3.94
N VAL A 130 -35.48 5.50 -4.50
CA VAL A 130 -36.54 6.50 -4.68
C VAL A 130 -36.25 7.33 -5.92
N GLU A 131 -37.32 7.78 -6.57
CA GLU A 131 -37.25 8.69 -7.71
C GLU A 131 -38.31 9.76 -7.57
N GLY A 132 -37.98 10.97 -7.97
CA GLY A 132 -38.97 12.04 -7.96
C GLY A 132 -38.31 13.39 -8.17
N GLY A 133 -39.14 14.42 -8.08
CA GLY A 133 -38.65 15.78 -8.12
C GLY A 133 -38.21 16.25 -6.75
N LEU A 134 -37.85 17.52 -6.68
CA LEU A 134 -37.37 18.11 -5.45
C LEU A 134 -38.34 19.18 -4.96
N THR A 135 -38.38 19.36 -3.65
CA THR A 135 -39.20 20.40 -3.03
C THR A 135 -38.51 20.84 -1.74
N ARG A 136 -39.15 21.75 -1.02
CA ARG A 136 -38.64 22.21 0.26
C ARG A 136 -39.80 22.37 1.23
N THR A 137 -39.65 21.80 2.43
CA THR A 137 -40.72 21.84 3.41
C THR A 137 -40.87 23.23 4.02
N LYS A 138 -41.91 23.38 4.84
CA LYS A 138 -42.11 24.63 5.59
C LYS A 138 -40.88 24.95 6.43
N THR A 139 -40.24 23.92 7.00
CA THR A 139 -39.05 24.11 7.84
C THR A 139 -37.78 24.36 7.03
N GLY A 140 -37.88 24.55 5.70
CA GLY A 140 -36.74 24.85 4.87
C GLY A 140 -35.88 23.67 4.46
N GLU A 141 -36.35 22.45 4.65
CA GLU A 141 -35.55 21.27 4.35
C GLU A 141 -35.72 20.86 2.89
N LEU A 142 -34.60 20.59 2.23
CA LEU A 142 -34.65 20.01 0.90
C LEU A 142 -35.24 18.61 0.96
N SER A 143 -36.21 18.33 0.08
CA SER A 143 -36.92 17.06 0.12
C SER A 143 -37.13 16.54 -1.28
N VAL A 144 -37.09 15.22 -1.41
CA VAL A 144 -37.48 14.54 -2.64
C VAL A 144 -38.98 14.28 -2.55
N LYS A 145 -39.73 14.77 -3.52
CA LYS A 145 -41.15 14.42 -3.64
C LYS A 145 -41.21 13.08 -4.34
N ALA A 146 -41.40 12.01 -3.57
CA ALA A 146 -41.26 10.67 -4.10
C ALA A 146 -42.39 10.34 -5.06
N GLU A 147 -42.04 10.05 -6.30
CA GLU A 147 -43.01 9.53 -7.26
C GLU A 147 -42.94 8.02 -7.39
N SER A 148 -41.88 7.40 -6.87
CA SER A 148 -41.70 5.97 -6.94
C SER A 148 -40.66 5.54 -5.91
N ILE A 149 -40.94 4.45 -5.19
CA ILE A 149 -40.07 4.04 -4.09
C ILE A 149 -40.15 2.53 -3.97
N ARG A 150 -39.04 1.91 -3.56
CA ARG A 150 -38.98 0.45 -3.51
C ARG A 150 -37.89 0.00 -2.55
N LEU A 151 -38.05 -1.21 -2.04
CA LEU A 151 -37.14 -1.79 -1.05
C LEU A 151 -36.07 -2.61 -1.76
N LEU A 152 -34.81 -2.28 -1.53
CA LEU A 152 -33.72 -3.06 -2.14
C LEU A 152 -33.12 -4.08 -1.17
N THR A 153 -32.97 -3.74 0.11
CA THR A 153 -32.42 -4.66 1.10
C THR A 153 -33.18 -4.53 2.40
N LYS A 154 -33.78 -5.62 2.86
CA LYS A 154 -34.38 -5.69 4.18
C LYS A 154 -33.30 -5.84 5.25
N SER A 155 -33.31 -4.98 6.25
CA SER A 155 -32.42 -5.13 7.39
C SER A 155 -33.00 -6.14 8.37
N LEU A 156 -32.15 -7.04 8.87
CA LEU A 156 -32.60 -8.01 9.86
C LEU A 156 -32.19 -7.66 11.28
N ARG A 157 -31.25 -6.74 11.45
CA ARG A 157 -30.79 -6.31 12.77
C ARG A 157 -31.08 -4.83 12.96
N PRO A 158 -31.77 -4.43 14.03
CA PRO A 158 -32.01 -3.01 14.25
C PRO A 158 -30.74 -2.25 14.53
N LEU A 159 -30.72 -1.00 14.09
CA LEU A 159 -29.62 -0.10 14.44
C LEU A 159 -29.69 0.25 15.92
N PRO A 160 -28.55 0.52 16.56
CA PRO A 160 -28.56 0.82 17.99
C PRO A 160 -29.21 2.17 18.30
N GLN A 171 -19.09 -1.39 20.11
CA GLN A 171 -19.69 -1.05 18.82
C GLN A 171 -18.69 -0.34 17.93
N ARG A 172 -18.25 0.84 18.38
CA ARG A 172 -17.53 1.78 17.52
C ARG A 172 -16.37 1.11 16.78
N TYR A 173 -15.71 0.17 17.44
CA TYR A 173 -14.56 -0.53 16.87
C TYR A 173 -14.84 -2.00 16.62
N ARG A 174 -15.58 -2.67 17.52
CA ARG A 174 -15.98 -4.04 17.29
C ARG A 174 -16.90 -4.17 16.07
N GLN A 175 -17.67 -3.11 15.76
CA GLN A 175 -18.54 -3.07 14.60
C GLN A 175 -18.43 -1.67 13.97
N ARG A 176 -17.29 -1.43 13.31
CA ARG A 176 -17.16 -0.22 12.49
C ARG A 176 -18.31 -0.11 11.49
N TYR A 177 -18.80 -1.25 10.97
CA TYR A 177 -19.86 -1.18 9.97
C TYR A 177 -21.17 -0.64 10.54
N VAL A 178 -21.35 -0.68 11.86
CA VAL A 178 -22.50 -0.04 12.50
C VAL A 178 -22.21 1.42 12.81
N ASP A 179 -21.01 1.71 13.30
CA ASP A 179 -20.69 3.07 13.69
C ASP A 179 -20.56 4.00 12.50
N LEU A 180 -20.08 3.49 11.36
CA LEU A 180 -20.08 4.34 10.17
C LEU A 180 -21.49 4.77 9.78
N ILE A 181 -22.50 4.00 10.18
CA ILE A 181 -23.88 4.32 9.85
C ILE A 181 -24.45 5.36 10.80
N VAL A 182 -24.40 5.11 12.11
CA VAL A 182 -25.07 5.97 13.07
C VAL A 182 -24.18 7.11 13.58
N THR A 183 -22.88 7.04 13.34
CA THR A 183 -21.95 8.13 13.63
C THR A 183 -21.31 8.59 12.32
N PRO A 184 -22.12 9.13 11.39
CA PRO A 184 -21.59 9.43 10.06
C PRO A 184 -20.49 10.48 10.09
N GLU A 185 -20.42 11.27 11.16
CA GLU A 185 -19.31 12.19 11.37
C GLU A 185 -17.95 11.50 11.26
N SER A 186 -17.87 10.23 11.67
CA SER A 186 -16.60 9.52 11.63
C SER A 186 -16.14 9.26 10.19
N ARG A 187 -17.06 9.29 9.22
CA ARG A 187 -16.67 9.08 7.83
C ARG A 187 -15.67 10.14 7.37
N ALA A 188 -15.86 11.39 7.81
CA ALA A 188 -14.98 12.48 7.42
C ALA A 188 -13.53 12.22 7.85
N VAL A 189 -13.32 11.56 8.98
CA VAL A 189 -11.97 11.24 9.42
C VAL A 189 -11.28 10.31 8.42
N PHE A 190 -12.00 9.27 7.99
CA PHE A 190 -11.41 8.29 7.09
C PHE A 190 -11.26 8.83 5.68
N ILE A 191 -12.17 9.71 5.25
CA ILE A 191 -11.96 10.40 3.98
C ILE A 191 -10.73 11.30 4.05
N LYS A 192 -10.58 12.07 5.14
CA LYS A 192 -9.42 12.93 5.23
C LYS A 192 -8.14 12.11 5.33
N ARG A 193 -8.19 10.96 6.01
CA ARG A 193 -7.04 10.06 6.03
C ARG A 193 -6.58 9.70 4.62
N SER A 194 -7.51 9.32 3.75
CA SER A 194 -7.10 8.94 2.40
CA SER A 194 -7.14 8.96 2.38
C SER A 194 -6.59 10.16 1.63
N LYS A 195 -7.15 11.35 1.87
CA LYS A 195 -6.60 12.54 1.23
C LYS A 195 -5.20 12.88 1.75
N ILE A 196 -4.91 12.62 3.03
CA ILE A 196 -3.56 12.87 3.56
C ILE A 196 -2.54 11.99 2.85
N ILE A 197 -2.86 10.71 2.70
CA ILE A 197 -1.90 9.80 2.08
C ILE A 197 -1.74 10.15 0.59
N ARG A 198 -2.85 10.49 -0.06
CA ARG A 198 -2.78 10.92 -1.45
C ARG A 198 -1.92 12.18 -1.61
N ALA A 199 -2.08 13.15 -0.71
CA ALA A 199 -1.28 14.37 -0.80
C ALA A 199 0.20 14.08 -0.53
N MET A 200 0.48 13.16 0.39
CA MET A 200 1.87 12.77 0.62
C MET A 200 2.48 12.15 -0.64
N ARG A 201 1.77 11.21 -1.29
CA ARG A 201 2.30 10.63 -2.52
C ARG A 201 2.52 11.71 -3.58
N ALA A 202 1.59 12.65 -3.72
CA ALA A 202 1.77 13.69 -4.73
C ALA A 202 2.99 14.54 -4.44
N TRP A 203 3.17 14.90 -3.17
CA TRP A 203 4.31 15.74 -2.79
C TRP A 203 5.63 15.05 -3.12
N LEU A 204 5.71 13.74 -2.83
CA LEU A 204 6.93 12.96 -3.09
C LEU A 204 7.11 12.66 -4.58
N ASP A 205 6.02 12.27 -5.27
CA ASP A 205 6.10 12.03 -6.71
C ASP A 205 6.53 13.29 -7.45
N ASN A 206 5.98 14.45 -7.05
CA ASN A 206 6.36 15.69 -7.71
C ASN A 206 7.83 16.04 -7.48
N ARG A 207 8.47 15.45 -6.49
CA ARG A 207 9.89 15.65 -6.27
C ARG A 207 10.72 14.46 -6.73
N ASP A 208 10.14 13.64 -7.61
CA ASP A 208 10.85 12.56 -8.33
C ASP A 208 11.33 11.44 -7.41
N PHE A 209 10.64 11.22 -6.29
CA PHE A 209 10.81 9.98 -5.55
C PHE A 209 9.97 8.87 -6.19
N LEU A 210 10.53 7.67 -6.24
CA LEU A 210 9.87 6.52 -6.84
C LEU A 210 9.24 5.68 -5.74
N GLU A 211 7.93 5.46 -5.83
CA GLU A 211 7.22 4.62 -4.88
C GLU A 211 7.45 3.15 -5.22
N VAL A 212 7.92 2.38 -4.23
CA VAL A 212 8.27 0.99 -4.46
C VAL A 212 7.49 0.11 -3.49
N GLU A 213 7.45 -1.18 -3.80
CA GLU A 213 6.92 -2.22 -2.92
C GLU A 213 8.05 -3.19 -2.57
N THR A 214 8.30 -3.39 -1.27
CA THR A 214 9.25 -4.38 -0.82
C THR A 214 8.51 -5.43 0.01
N PRO A 215 9.11 -6.61 0.24
CA PRO A 215 8.34 -7.70 0.85
C PRO A 215 7.84 -7.38 2.24
N MET A 216 6.69 -7.96 2.57
CA MET A 216 6.14 -7.92 3.92
CA MET A 216 6.20 -7.89 3.94
C MET A 216 6.62 -9.08 4.78
N MET A 217 7.15 -10.13 4.18
CA MET A 217 7.69 -11.25 4.93
C MET A 217 9.21 -11.23 4.76
N HIS A 218 9.93 -11.31 5.88
CA HIS A 218 11.39 -11.25 5.89
C HIS A 218 11.99 -12.55 6.41
N TYR A 219 13.18 -12.90 5.90
CA TYR A 219 13.94 -14.03 6.44
C TYR A 219 14.55 -13.65 7.78
N ILE A 220 14.92 -12.37 7.94
CA ILE A 220 15.53 -11.88 9.15
C ILE A 220 14.82 -10.57 9.49
N PRO A 221 14.21 -10.43 10.66
CA PRO A 221 13.54 -9.17 11.00
C PRO A 221 14.56 -8.09 11.32
N GLY A 222 14.47 -6.97 10.62
CA GLY A 222 15.40 -5.87 10.84
C GLY A 222 14.77 -4.53 10.55
N GLY A 223 15.54 -3.47 10.84
CA GLY A 223 15.14 -2.12 10.53
C GLY A 223 14.42 -1.39 11.67
N ALA A 224 14.09 -2.09 12.75
CA ALA A 224 13.45 -1.50 13.92
C ALA A 224 13.71 -2.42 15.10
N ALA A 225 13.65 -1.84 16.30
CA ALA A 225 13.78 -2.59 17.54
C ALA A 225 12.36 -2.95 18.00
N ALA A 226 11.90 -4.13 17.61
CA ALA A 226 10.53 -4.51 17.90
C ALA A 226 10.39 -6.02 17.82
N LYS A 227 9.56 -6.59 18.70
CA LYS A 227 9.30 -8.02 18.65
C LYS A 227 8.46 -8.33 17.42
N PRO A 228 8.83 -9.34 16.62
CA PRO A 228 8.11 -9.59 15.37
C PRO A 228 7.08 -10.69 15.48
N PHE A 229 6.14 -10.74 14.55
CA PHE A 229 5.34 -11.93 14.32
C PHE A 229 6.12 -12.91 13.46
N THR A 230 6.06 -14.19 13.79
CA THR A 230 6.67 -15.23 12.99
C THR A 230 5.58 -16.03 12.29
N THR A 231 5.88 -16.50 11.08
CA THR A 231 5.02 -17.46 10.42
C THR A 231 5.90 -18.51 9.74
N HIS A 232 5.26 -19.45 9.06
CA HIS A 232 5.96 -20.62 8.54
C HIS A 232 5.45 -20.95 7.15
N HIS A 233 6.37 -21.05 6.19
CA HIS A 233 6.02 -21.50 4.84
C HIS A 233 6.15 -23.02 4.83
N ASN A 234 5.03 -23.71 4.66
CA ASN A 234 5.02 -25.16 4.88
C ASN A 234 5.81 -25.89 3.80
N ALA A 235 5.59 -25.56 2.53
CA ALA A 235 6.22 -26.30 1.45
C ALA A 235 7.73 -26.12 1.46
N LEU A 236 8.22 -24.93 1.78
CA LEU A 236 9.65 -24.69 1.86
C LEU A 236 10.26 -25.10 3.20
N ASP A 237 9.45 -25.47 4.18
CA ASP A 237 9.89 -25.73 5.55
C ASP A 237 10.82 -24.63 6.04
N LEU A 238 10.29 -23.40 6.01
CA LEU A 238 11.09 -22.20 6.24
C LEU A 238 10.30 -21.22 7.10
N ASP A 239 10.93 -20.71 8.15
CA ASP A 239 10.30 -19.73 9.02
C ASP A 239 10.50 -18.32 8.47
N LEU A 240 9.46 -17.51 8.58
CA LEU A 240 9.49 -16.13 8.10
C LEU A 240 9.01 -15.19 9.20
N TYR A 241 9.34 -13.92 9.03
CA TYR A 241 8.95 -12.87 9.97
C TYR A 241 8.16 -11.79 9.24
N LEU A 242 7.03 -11.39 9.82
CA LEU A 242 6.36 -10.21 9.32
C LEU A 242 7.25 -9.01 9.57
N ARG A 243 7.40 -8.13 8.59
CA ARG A 243 8.40 -7.09 8.70
C ARG A 243 8.09 -6.12 9.84
N VAL A 244 9.12 -5.74 10.58
CA VAL A 244 8.95 -4.64 11.53
C VAL A 244 9.27 -3.30 10.87
N ALA A 245 9.89 -3.32 9.68
CA ALA A 245 10.28 -2.13 8.93
C ALA A 245 10.81 -2.58 7.57
N PRO A 246 10.61 -1.81 6.51
CA PRO A 246 11.22 -2.15 5.22
C PRO A 246 12.64 -1.63 5.01
N GLU A 247 13.20 -0.97 6.04
CA GLU A 247 14.42 -0.19 5.93
C GLU A 247 15.55 -0.91 5.19
N LEU A 248 15.88 -2.15 5.58
CA LEU A 248 17.05 -2.79 4.98
C LEU A 248 16.83 -3.19 3.52
N TYR A 249 15.58 -3.40 3.10
CA TYR A 249 15.30 -3.67 1.69
C TYR A 249 15.35 -2.37 0.87
N LEU A 250 14.83 -1.28 1.41
CA LEU A 250 14.90 0.00 0.72
C LEU A 250 16.35 0.43 0.49
N LYS A 251 17.23 0.22 1.48
CA LYS A 251 18.61 0.62 1.26
C LYS A 251 19.32 -0.29 0.26
N ARG A 252 18.90 -1.55 0.13
CA ARG A 252 19.41 -2.36 -0.98
C ARG A 252 19.05 -1.73 -2.33
N LEU A 253 17.88 -1.08 -2.41
CA LEU A 253 17.53 -0.38 -3.65
C LEU A 253 18.45 0.81 -3.88
N THR A 254 18.85 1.50 -2.81
CA THR A 254 19.82 2.59 -2.94
C THR A 254 21.12 2.08 -3.55
N VAL A 255 21.64 0.97 -3.03
CA VAL A 255 22.82 0.33 -3.61
C VAL A 255 22.59 0.02 -5.10
N GLY A 256 21.40 -0.47 -5.44
CA GLY A 256 21.10 -0.76 -6.84
C GLY A 256 21.02 0.46 -7.73
N GLY A 257 20.93 1.65 -7.16
CA GLY A 257 20.83 2.87 -7.92
C GLY A 257 19.44 3.44 -8.05
N LEU A 258 18.47 2.95 -7.29
CA LEU A 258 17.19 3.65 -7.15
C LEU A 258 17.43 4.62 -6.02
N GLU A 259 17.85 5.84 -6.37
CA GLU A 259 18.48 6.75 -5.42
C GLU A 259 17.47 7.64 -4.70
N ARG A 260 16.21 7.63 -5.13
CA ARG A 260 15.14 8.39 -4.47
C ARG A 260 13.92 7.48 -4.46
N VAL A 261 13.68 6.76 -3.34
CA VAL A 261 12.58 5.80 -3.25
C VAL A 261 11.76 6.10 -2.01
N TYR A 262 10.48 5.71 -2.04
CA TYR A 262 9.69 5.70 -0.81
C TYR A 262 8.68 4.56 -0.86
N GLU A 263 8.18 4.20 0.33
CA GLU A 263 7.18 3.15 0.49
C GLU A 263 6.23 3.55 1.62
N ILE A 264 4.93 3.42 1.38
CA ILE A 264 3.91 3.67 2.40
C ILE A 264 3.15 2.38 2.58
N ASN A 265 3.38 1.69 3.69
CA ASN A 265 2.66 0.42 3.88
C ASN A 265 2.81 -0.04 5.32
N ARG A 266 2.27 -1.22 5.58
CA ARG A 266 2.13 -1.77 6.92
C ARG A 266 3.47 -2.26 7.45
N ASN A 267 3.68 -2.06 8.75
CA ASN A 267 4.62 -2.80 9.57
C ASN A 267 3.82 -3.53 10.62
N PHE A 268 4.46 -4.52 11.25
CA PHE A 268 3.81 -5.40 12.22
C PHE A 268 4.70 -5.49 13.46
N ARG A 269 4.10 -5.28 14.63
CA ARG A 269 4.80 -5.34 15.91
C ARG A 269 4.04 -6.29 16.82
N ASN A 270 4.72 -7.31 17.33
CA ASN A 270 4.10 -8.31 18.21
C ASN A 270 4.38 -7.94 19.67
N GLU A 271 3.97 -6.73 20.03
CA GLU A 271 4.31 -6.17 21.33
C GLU A 271 3.24 -6.58 22.35
N GLY A 272 3.15 -5.84 23.46
CA GLY A 272 2.22 -6.15 24.52
C GLY A 272 0.84 -5.55 24.30
N VAL A 273 -0.06 -5.85 25.24
CA VAL A 273 -1.44 -5.38 25.16
C VAL A 273 -1.47 -3.89 25.42
N SER A 274 -2.02 -3.13 24.47
CA SER A 274 -2.07 -1.68 24.57
C SER A 274 -3.24 -1.15 23.77
N THR A 275 -3.98 -0.22 24.38
CA THR A 275 -5.07 0.48 23.69
C THR A 275 -4.55 1.63 22.84
N ARG A 276 -3.40 2.19 23.18
CA ARG A 276 -2.82 3.28 22.43
C ARG A 276 -2.07 2.81 21.18
N HIS A 277 -1.74 1.52 21.10
CA HIS A 277 -0.96 1.00 19.99
C HIS A 277 -1.72 -0.14 19.30
N ASN A 278 -1.48 -0.27 18.01
CA ASN A 278 -2.06 -1.30 17.17
C ASN A 278 -0.95 -2.19 16.63
N PRO A 279 -1.14 -3.51 16.61
CA PRO A 279 -0.07 -4.41 16.13
C PRO A 279 0.26 -4.23 14.66
N GLU A 280 -0.66 -3.70 13.86
CA GLU A 280 -0.42 -3.27 12.49
C GLU A 280 -0.48 -1.75 12.45
N PHE A 281 0.45 -1.13 11.74
CA PHE A 281 0.44 0.32 11.63
C PHE A 281 1.12 0.69 10.32
N THR A 282 0.82 1.90 9.83
CA THR A 282 1.28 2.33 8.51
C THR A 282 2.43 3.33 8.66
N MET A 283 3.51 3.09 7.93
CA MET A 283 4.68 3.96 7.93
C MET A 283 5.02 4.36 6.51
N MET A 284 5.45 5.60 6.32
CA MET A 284 6.13 5.99 5.10
C MET A 284 7.62 5.96 5.40
N GLU A 285 8.38 5.26 4.57
CA GLU A 285 9.84 5.34 4.64
C GLU A 285 10.37 5.87 3.32
N LEU A 286 11.44 6.66 3.38
CA LEU A 286 12.04 7.18 2.16
CA LEU A 286 12.03 7.29 2.20
C LEU A 286 13.55 7.28 2.34
N TYR A 287 14.25 7.14 1.20
CA TYR A 287 15.70 7.16 1.15
C TYR A 287 16.14 8.04 0.00
N GLU A 288 16.99 9.05 0.30
CA GLU A 288 17.50 9.99 -0.67
C GLU A 288 19.03 9.96 -0.66
N ALA A 289 19.62 9.45 -1.74
CA ALA A 289 21.07 9.46 -1.84
C ALA A 289 21.59 10.90 -1.80
N TYR A 290 22.74 11.09 -1.14
CA TYR A 290 23.48 12.35 -1.01
C TYR A 290 22.80 13.36 -0.10
N ALA A 291 21.81 12.95 0.71
CA ALA A 291 21.28 13.75 1.80
C ALA A 291 21.90 13.33 3.13
N THR A 292 21.89 14.25 4.09
CA THR A 292 22.19 14.00 5.50
C THR A 292 20.93 14.26 6.31
N TYR A 293 21.01 14.07 7.64
CA TYR A 293 19.82 14.31 8.45
C TYR A 293 19.38 15.77 8.42
N ASN A 294 20.28 16.71 8.08
CA ASN A 294 19.86 18.10 7.94
C ASN A 294 18.85 18.25 6.81
N GLU A 295 19.18 17.74 5.63
CA GLU A 295 18.26 17.80 4.50
C GLU A 295 17.04 16.92 4.70
N ILE A 296 17.18 15.79 5.41
CA ILE A 296 15.99 14.97 5.67
C ILE A 296 15.03 15.70 6.61
N MET A 297 15.57 16.43 7.60
CA MET A 297 14.70 17.25 8.46
C MET A 297 13.99 18.33 7.64
N ASP A 298 14.71 19.00 6.73
CA ASP A 298 14.07 19.94 5.80
C ASP A 298 12.91 19.27 5.07
N LEU A 299 13.16 18.09 4.50
CA LEU A 299 12.12 17.37 3.78
C LEU A 299 10.95 17.02 4.70
N THR A 300 11.26 16.56 5.92
CA THR A 300 10.21 16.11 6.83
C THR A 300 9.25 17.23 7.18
N GLU A 301 9.78 18.40 7.57
CA GLU A 301 8.86 19.46 7.94
C GLU A 301 8.17 20.06 6.72
N GLY A 302 8.81 20.02 5.56
CA GLY A 302 8.15 20.49 4.34
C GLY A 302 6.95 19.64 3.94
N VAL A 303 7.11 18.31 3.92
CA VAL A 303 5.99 17.47 3.49
C VAL A 303 4.85 17.53 4.52
N ILE A 304 5.17 17.53 5.81
CA ILE A 304 4.12 17.58 6.82
C ILE A 304 3.35 18.89 6.72
N ARG A 305 4.07 20.01 6.70
CA ARG A 305 3.46 21.33 6.57
C ARG A 305 2.61 21.44 5.31
N ASP A 306 3.17 21.03 4.16
CA ASP A 306 2.45 21.16 2.89
C ASP A 306 1.24 20.24 2.83
N VAL A 307 1.34 19.03 3.39
CA VAL A 307 0.18 18.15 3.42
C VAL A 307 -0.91 18.74 4.34
N ALA A 308 -0.50 19.36 5.45
CA ALA A 308 -1.48 20.00 6.32
C ALA A 308 -2.22 21.10 5.57
N LYS A 309 -1.50 21.93 4.83
CA LYS A 309 -2.16 22.98 4.07
C LYS A 309 -3.11 22.40 3.04
N ALA A 310 -2.75 21.25 2.46
CA ALA A 310 -3.55 20.70 1.38
C ALA A 310 -4.87 20.13 1.88
N VAL A 311 -4.87 19.49 3.05
CA VAL A 311 -6.11 18.87 3.51
C VAL A 311 -6.88 19.74 4.50
N ASN A 312 -6.21 20.66 5.19
CA ASN A 312 -6.86 21.50 6.19
C ASN A 312 -6.98 22.95 5.75
N GLY A 313 -6.27 23.38 4.72
CA GLY A 313 -6.35 24.78 4.29
C GLY A 313 -5.45 25.72 5.08
N GLY A 314 -4.60 25.19 5.95
CA GLY A 314 -3.69 26.01 6.74
C GLY A 314 -2.79 25.12 7.55
N THR A 315 -1.93 25.74 8.36
CA THR A 315 -0.92 25.02 9.11
C THR A 315 -1.26 24.87 10.58
N GLU A 316 -2.41 25.34 11.04
CA GLU A 316 -2.71 25.20 12.46
C GLU A 316 -3.68 24.05 12.67
N VAL A 317 -3.54 23.37 13.81
CA VAL A 317 -4.49 22.32 14.14
C VAL A 317 -4.62 22.25 15.64
N GLU A 318 -5.80 21.86 16.11
CA GLU A 318 -6.04 21.60 17.51
C GLU A 318 -6.06 20.09 17.73
N TRP A 319 -5.18 19.60 18.59
CA TRP A 319 -4.99 18.17 18.81
C TRP A 319 -4.95 17.93 20.30
N ASP A 320 -5.94 17.21 20.82
CA ASP A 320 -5.95 16.82 22.23
C ASP A 320 -5.81 18.04 23.14
N GLY A 321 -6.56 19.11 22.83
CA GLY A 321 -6.51 20.33 23.60
C GLY A 321 -5.31 21.24 23.34
N ALA A 322 -4.32 20.79 22.56
CA ALA A 322 -3.17 21.60 22.23
C ALA A 322 -3.36 22.28 20.87
N LYS A 323 -3.02 23.57 20.79
CA LYS A 323 -3.05 24.33 19.54
C LYS A 323 -1.65 24.27 18.92
N ILE A 324 -1.55 23.57 17.80
CA ILE A 324 -0.27 23.29 17.14
C ILE A 324 -0.19 24.16 15.89
N ASP A 325 0.94 24.85 15.70
CA ASP A 325 1.20 25.54 14.45
C ASP A 325 2.38 24.90 13.73
N LEU A 326 2.13 24.31 12.57
CA LEU A 326 3.16 23.71 11.73
C LEU A 326 3.86 24.73 10.85
N GLY A 327 3.42 25.99 10.87
CA GLY A 327 3.93 27.01 9.98
C GLY A 327 5.39 27.36 10.21
N PRO A 328 5.72 27.87 11.40
CA PRO A 328 7.12 28.26 11.69
C PRO A 328 8.08 27.09 11.54
N ALA A 329 9.34 27.42 11.28
CA ALA A 329 10.38 26.40 11.20
C ALA A 329 10.37 25.56 12.46
N PHE A 330 10.46 24.24 12.30
CA PHE A 330 10.47 23.36 13.45
C PHE A 330 11.73 23.59 14.27
N ARG A 331 11.61 23.52 15.59
CA ARG A 331 12.77 23.57 16.47
CA ARG A 331 12.80 23.60 16.41
C ARG A 331 13.68 22.38 16.17
N ARG A 332 14.99 22.59 16.28
CA ARG A 332 15.97 21.52 16.19
C ARG A 332 16.82 21.62 17.46
N TRP A 333 16.78 20.58 18.29
CA TRP A 333 17.28 20.65 19.66
C TRP A 333 18.02 19.35 19.96
N ARG A 334 19.27 19.45 20.38
CA ARG A 334 20.03 18.24 20.72
C ARG A 334 19.41 17.53 21.93
N MET A 335 19.44 16.20 21.89
CA MET A 335 18.91 15.43 23.00
C MET A 335 19.63 15.76 24.30
N ASP A 336 20.97 15.83 24.26
CA ASP A 336 21.70 16.08 25.49
C ASP A 336 21.41 17.47 26.06
N GLU A 337 21.21 18.48 25.19
CA GLU A 337 20.89 19.82 25.70
C GLU A 337 19.47 19.90 26.23
N ALA A 338 18.54 19.21 25.57
CA ALA A 338 17.17 19.14 26.07
C ALA A 338 17.12 18.45 27.43
N VAL A 339 17.88 17.37 27.59
CA VAL A 339 17.94 16.68 28.87
C VAL A 339 18.48 17.63 29.96
N ARG A 340 19.56 18.34 29.66
CA ARG A 340 20.16 19.25 30.64
CA ARG A 340 20.13 19.22 30.68
C ARG A 340 19.22 20.41 30.98
N HIS A 341 18.48 20.92 29.98
CA HIS A 341 17.53 21.99 30.26
C HIS A 341 16.47 21.56 31.27
N HIS A 342 15.89 20.37 31.08
CA HIS A 342 14.84 19.94 31.99
C HIS A 342 15.38 19.29 33.26
N ASN A 343 16.68 18.98 33.34
CA ASN A 343 17.28 18.38 34.53
C ASN A 343 18.57 19.12 34.83
N PRO A 344 18.48 20.30 35.45
CA PRO A 344 19.69 21.12 35.65
C PRO A 344 20.69 20.50 36.61
N GLU A 345 20.31 19.47 37.37
CA GLU A 345 21.27 18.74 38.19
C GLU A 345 22.26 17.95 37.33
N ILE A 346 21.96 17.75 36.06
CA ILE A 346 22.78 16.94 35.16
C ILE A 346 23.77 17.85 34.43
N SER A 347 25.06 17.65 34.67
CA SER A 347 26.11 18.46 34.05
C SER A 347 26.42 17.95 32.65
N ALA A 348 27.23 18.75 31.93
CA ALA A 348 27.69 18.33 30.61
C ALA A 348 28.52 17.05 30.70
N ALA A 349 29.42 16.97 31.69
CA ALA A 349 30.21 15.77 31.88
C ALA A 349 29.33 14.57 32.21
N ASP A 350 28.24 14.79 32.98
CA ASP A 350 27.35 13.71 33.37
C ASP A 350 26.74 13.00 32.15
N CYS A 351 26.53 13.72 31.06
CA CYS A 351 25.77 13.19 29.93
C CYS A 351 26.45 12.00 29.27
N THR A 352 27.76 11.81 29.48
CA THR A 352 28.46 10.64 28.94
C THR A 352 29.13 9.82 30.04
N ASP A 353 28.63 9.93 31.27
CA ASP A 353 29.16 9.25 32.46
C ASP A 353 28.11 8.26 32.94
N ARG A 354 28.35 6.97 32.69
CA ARG A 354 27.31 5.98 32.99
C ARG A 354 26.94 6.00 34.48
N ASP A 355 27.92 6.09 35.37
CA ASP A 355 27.58 6.02 36.79
C ASP A 355 26.83 7.26 37.24
N ALA A 356 27.21 8.45 36.73
CA ALA A 356 26.45 9.64 37.04
C ALA A 356 25.01 9.53 36.54
N LEU A 357 24.81 8.96 35.36
CA LEU A 357 23.46 8.85 34.84
C LEU A 357 22.65 7.82 35.61
N LEU A 358 23.30 6.77 36.12
CA LEU A 358 22.62 5.82 36.99
C LEU A 358 22.11 6.51 38.25
N ARG A 359 22.93 7.39 38.84
CA ARG A 359 22.48 8.11 40.03
C ARG A 359 21.29 8.99 39.71
N HIS A 360 21.34 9.71 38.58
CA HIS A 360 20.23 10.56 38.19
C HIS A 360 18.97 9.74 37.96
N CYS A 361 19.10 8.61 37.25
CA CYS A 361 17.96 7.71 37.02
C CYS A 361 17.33 7.27 38.33
N GLU A 362 18.14 6.86 39.31
CA GLU A 362 17.57 6.44 40.59
C GLU A 362 16.85 7.60 41.26
N ARG A 363 17.47 8.78 41.24
CA ARG A 363 16.84 9.94 41.85
C ARG A 363 15.52 10.27 41.15
N LEU A 364 15.46 10.06 39.83
CA LEU A 364 14.24 10.29 39.07
C LEU A 364 13.28 9.11 39.11
N LYS A 365 13.64 8.03 39.82
CA LYS A 365 12.80 6.84 39.95
C LYS A 365 12.57 6.16 38.60
N ILE A 366 13.56 6.20 37.73
CA ILE A 366 13.51 5.56 36.42
C ILE A 366 14.17 4.18 36.55
N ARG A 367 13.41 3.13 36.27
CA ARG A 367 13.95 1.78 36.33
C ARG A 367 14.75 1.50 35.08
N VAL A 368 15.95 0.94 35.25
CA VAL A 368 16.90 0.74 34.15
C VAL A 368 17.55 -0.62 34.31
N LYS A 369 18.43 -0.96 33.37
CA LYS A 369 19.04 -2.28 33.36
C LYS A 369 20.56 -2.15 33.38
N PRO A 370 21.26 -3.16 33.94
CA PRO A 370 22.73 -3.09 34.02
C PRO A 370 23.44 -3.10 32.68
N SER A 371 22.79 -3.57 31.61
CA SER A 371 23.42 -3.50 30.30
C SER A 371 23.29 -2.15 29.62
N TYR A 372 22.68 -1.14 30.27
CA TYR A 372 22.48 0.17 29.64
C TYR A 372 23.74 1.01 29.80
N GLY A 373 24.35 1.42 28.68
CA GLY A 373 25.46 2.35 28.71
C GLY A 373 24.97 3.77 28.91
N TRP A 374 25.91 4.73 28.88
CA TRP A 374 25.51 6.13 29.06
C TRP A 374 24.48 6.56 28.02
N GLY A 375 24.63 6.10 26.78
CA GLY A 375 23.73 6.53 25.73
C GLY A 375 22.29 6.10 25.95
N LYS A 376 22.10 4.86 26.37
CA LYS A 376 20.75 4.38 26.67
C LYS A 376 20.20 5.05 27.93
N LEU A 377 21.05 5.31 28.93
CA LEU A 377 20.56 6.02 30.12
C LEU A 377 20.13 7.45 29.77
N LEU A 378 20.86 8.12 28.88
CA LEU A 378 20.44 9.46 28.46
C LEU A 378 19.07 9.43 27.79
N LEU A 379 18.85 8.42 26.93
CA LEU A 379 17.56 8.26 26.27
C LEU A 379 16.45 8.02 27.28
N GLU A 380 16.71 7.18 28.29
CA GLU A 380 15.70 6.90 29.31
C GLU A 380 15.30 8.18 30.05
N ILE A 381 16.28 9.03 30.35
CA ILE A 381 16.01 10.31 31.00
C ILE A 381 15.25 11.25 30.07
N PHE A 382 15.65 11.30 28.79
CA PHE A 382 14.90 12.06 27.80
C PHE A 382 13.44 11.59 27.75
N GLU A 383 13.24 10.27 27.68
CA GLU A 383 11.88 9.77 27.56
C GLU A 383 11.05 10.11 28.79
N ALA A 384 11.66 10.07 29.98
CA ALA A 384 10.90 10.28 31.20
C ALA A 384 10.67 11.76 31.52
N THR A 385 11.60 12.65 31.16
CA THR A 385 11.50 14.03 31.63
C THR A 385 11.35 15.06 30.52
N VAL A 386 11.60 14.72 29.27
CA VAL A 386 11.60 15.70 28.18
C VAL A 386 10.44 15.47 27.22
N GLU A 387 10.25 14.24 26.78
CA GLU A 387 9.41 13.93 25.63
C GLU A 387 8.01 14.55 25.75
N HIS A 388 7.38 14.43 26.93
CA HIS A 388 6.01 14.92 27.11
C HIS A 388 5.91 16.44 27.09
N THR A 389 7.03 17.17 27.18
CA THR A 389 6.97 18.64 27.16
C THR A 389 7.06 19.21 25.76
N LEU A 390 7.29 18.36 24.74
CA LEU A 390 7.56 18.83 23.37
C LEU A 390 6.23 18.99 22.62
N ILE A 391 5.59 20.14 22.83
CA ILE A 391 4.27 20.38 22.26
C ILE A 391 4.37 20.88 20.82
N GLN A 392 5.03 22.02 20.63
CA GLN A 392 5.19 22.56 19.28
C GLN A 392 6.21 21.70 18.54
N PRO A 393 6.09 21.58 17.20
CA PRO A 393 6.90 20.60 16.47
C PRO A 393 8.39 20.81 16.69
N THR A 394 9.06 19.73 17.12
CA THR A 394 10.44 19.79 17.58
C THR A 394 11.20 18.56 17.09
N PHE A 395 12.27 18.78 16.33
CA PHE A 395 13.24 17.72 16.03
C PHE A 395 14.20 17.60 17.20
N ILE A 396 14.26 16.43 17.84
CA ILE A 396 15.31 16.16 18.82
C ILE A 396 16.43 15.41 18.09
N THR A 397 17.66 15.92 18.18
CA THR A 397 18.73 15.49 17.30
C THR A 397 19.90 14.87 18.05
N ASP A 398 20.73 14.16 17.30
CA ASP A 398 22.03 13.67 17.74
C ASP A 398 21.88 12.61 18.83
N HIS A 399 21.27 11.50 18.50
CA HIS A 399 21.06 10.39 19.43
C HIS A 399 22.36 9.64 19.66
N PRO A 400 22.57 9.13 20.87
CA PRO A 400 23.75 8.30 21.13
C PRO A 400 23.84 7.08 20.22
N VAL A 401 25.07 6.68 19.91
CA VAL A 401 25.26 5.54 19.01
C VAL A 401 24.69 4.26 19.62
N GLU A 402 24.68 4.15 20.95
CA GLU A 402 24.22 2.91 21.58
C GLU A 402 22.79 2.59 21.19
N VAL A 403 21.95 3.61 20.98
CA VAL A 403 20.54 3.39 20.69
C VAL A 403 20.22 3.58 19.21
N SER A 404 21.24 3.67 18.35
CA SER A 404 21.06 3.99 16.93
C SER A 404 21.91 3.07 16.04
N PRO A 405 21.55 1.78 15.98
CA PRO A 405 22.43 0.81 15.30
C PRO A 405 22.47 0.95 13.78
N LEU A 406 21.62 1.77 13.15
CA LEU A 406 21.67 1.89 11.69
C LEU A 406 22.02 3.30 11.25
N ALA A 407 22.33 4.19 12.19
CA ALA A 407 22.62 5.60 11.91
C ALA A 407 24.12 5.85 11.83
N ARG A 408 24.49 6.68 10.86
CA ARG A 408 25.89 7.07 10.67
C ARG A 408 26.42 7.79 11.91
N ALA A 409 27.60 7.40 12.37
CA ALA A 409 28.19 8.08 13.52
C ALA A 409 28.67 9.48 13.12
N ASN A 410 28.65 10.39 14.09
CA ASN A 410 29.07 11.76 13.84
C ASN A 410 30.58 11.81 13.64
N ASP A 411 31.02 12.62 12.67
CA ASP A 411 32.44 12.67 12.32
C ASP A 411 33.29 13.19 13.47
N ASN A 412 32.74 14.07 14.30
CA ASN A 412 33.51 14.72 15.36
C ASN A 412 33.37 14.06 16.73
N ASP A 413 32.25 13.37 17.00
CA ASP A 413 32.10 12.63 18.24
C ASP A 413 31.37 11.33 17.92
N PRO A 414 32.12 10.25 17.69
CA PRO A 414 31.49 9.00 17.23
C PRO A 414 30.73 8.24 18.31
N GLY A 415 30.66 8.76 19.55
CA GLY A 415 29.65 8.32 20.51
C GLY A 415 28.23 8.76 20.19
N TYR A 416 28.04 9.70 19.27
CA TYR A 416 26.73 10.15 18.85
C TYR A 416 26.51 9.81 17.38
N THR A 417 25.24 9.78 16.95
CA THR A 417 24.92 9.61 15.54
C THR A 417 24.14 10.81 15.03
N ASP A 418 24.17 10.99 13.71
CA ASP A 418 23.48 12.11 13.06
C ASP A 418 22.06 11.65 12.80
N ARG A 419 21.26 11.70 13.87
CA ARG A 419 19.91 11.15 13.91
C ARG A 419 18.94 12.19 14.46
N PHE A 420 17.64 12.04 14.13
CA PHE A 420 16.61 12.89 14.73
C PHE A 420 15.33 12.08 14.95
N GLU A 421 14.53 12.53 15.91
CA GLU A 421 13.13 12.16 16.02
C GLU A 421 12.30 13.43 16.10
N LEU A 422 11.12 13.41 15.47
CA LEU A 422 10.21 14.53 15.46
C LEU A 422 9.10 14.29 16.48
N PHE A 423 8.89 15.26 17.35
CA PHE A 423 7.83 15.19 18.36
C PHE A 423 6.86 16.33 18.13
N VAL A 424 5.57 16.01 18.24
CA VAL A 424 4.50 17.00 18.21
C VAL A 424 3.51 16.61 19.30
N ASN A 425 3.16 17.57 20.15
CA ASN A 425 2.24 17.31 21.26
C ASN A 425 2.70 16.13 22.10
N GLY A 426 4.01 16.03 22.29
CA GLY A 426 4.58 14.97 23.13
C GLY A 426 4.65 13.59 22.52
N LYS A 427 4.35 13.43 21.23
CA LYS A 427 4.32 12.12 20.60
C LYS A 427 5.30 12.07 19.44
N GLU A 428 5.94 10.91 19.26
CA GLU A 428 6.88 10.76 18.16
C GLU A 428 6.12 10.61 16.84
N LEU A 429 6.47 11.44 15.86
CA LEU A 429 5.81 11.43 14.56
C LEU A 429 6.70 10.97 13.42
N ALA A 430 8.02 11.10 13.56
CA ALA A 430 8.94 10.73 12.50
C ALA A 430 10.30 10.44 13.13
N ASN A 431 11.13 9.72 12.38
CA ASN A 431 12.48 9.37 12.81
CA ASN A 431 12.50 9.52 12.80
C ASN A 431 13.35 9.25 11.56
N GLY A 432 14.57 9.78 11.60
CA GLY A 432 15.41 9.64 10.43
C GLY A 432 16.86 9.92 10.78
N PHE A 433 17.74 9.67 9.80
CA PHE A 433 19.15 9.87 10.07
C PHE A 433 19.96 9.84 8.79
N SER A 434 21.16 10.39 8.89
CA SER A 434 22.22 10.05 7.96
C SER A 434 22.49 8.55 8.06
N GLU A 435 22.48 7.86 6.91
CA GLU A 435 22.49 6.40 6.92
C GLU A 435 23.89 5.82 7.11
N LEU A 436 23.99 4.78 7.94
CA LEU A 436 25.25 4.06 8.06
C LEU A 436 25.53 3.28 6.77
N ASN A 437 26.54 3.68 6.01
CA ASN A 437 26.86 2.96 4.78
C ASN A 437 28.22 2.27 4.83
N ASP A 438 28.96 2.41 5.94
CA ASP A 438 30.22 1.71 6.20
C ASP A 438 29.91 0.27 6.58
N PRO A 439 30.22 -0.71 5.72
CA PRO A 439 29.82 -2.10 6.02
C PRO A 439 30.52 -2.68 7.23
N GLU A 440 31.78 -2.29 7.48
CA GLU A 440 32.49 -2.83 8.63
C GLU A 440 31.95 -2.29 9.95
N ASP A 441 31.61 -1.00 9.97
CA ASP A 441 30.93 -0.45 11.15
C ASP A 441 29.57 -1.12 11.35
N GLN A 442 28.79 -1.26 10.27
CA GLN A 442 27.46 -1.85 10.39
C GLN A 442 27.53 -3.29 10.92
N ALA A 443 28.51 -4.06 10.45
CA ALA A 443 28.64 -5.43 10.94
C ALA A 443 29.00 -5.46 12.42
N GLN A 444 29.87 -4.54 12.87
CA GLN A 444 30.19 -4.49 14.29
C GLN A 444 28.95 -4.16 15.12
N ARG A 445 28.13 -3.19 14.66
CA ARG A 445 26.91 -2.85 15.38
C ARG A 445 25.94 -4.03 15.44
N PHE A 446 25.75 -4.73 14.32
CA PHE A 446 24.97 -5.96 14.34
C PHE A 446 25.52 -6.94 15.37
N GLN A 447 26.84 -7.11 15.42
CA GLN A 447 27.44 -8.06 16.36
C GLN A 447 27.20 -7.66 17.81
N ALA A 448 27.19 -6.37 18.11
CA ALA A 448 26.79 -5.94 19.45
C ALA A 448 25.31 -6.24 19.69
N GLN A 449 24.46 -6.02 18.68
CA GLN A 449 23.05 -6.34 18.82
C GLN A 449 22.84 -7.82 19.10
N VAL A 450 23.58 -8.69 18.40
CA VAL A 450 23.42 -10.13 18.58
C VAL A 450 23.77 -10.53 20.00
N ALA A 451 24.84 -9.93 20.54
CA ALA A 451 25.22 -10.18 21.93
C ALA A 451 24.10 -9.77 22.89
N ALA A 452 23.42 -8.67 22.61
CA ALA A 452 22.30 -8.25 23.44
C ALA A 452 21.11 -9.20 23.29
N LYS A 453 20.85 -9.66 22.06
CA LYS A 453 19.75 -10.60 21.84
C LYS A 453 19.93 -11.87 22.65
N GLU A 454 21.18 -12.28 22.88
CA GLU A 454 21.49 -13.41 23.75
C GLU A 454 21.50 -13.02 25.23
N GLY A 455 21.55 -11.72 25.54
CA GLY A 455 21.49 -11.24 26.90
C GLY A 455 20.10 -10.98 27.44
N GLY A 456 19.06 -11.29 26.66
CA GLY A 456 17.69 -11.13 27.13
C GLY A 456 16.98 -9.90 26.61
N ASP A 457 17.22 -9.55 25.34
CA ASP A 457 16.60 -8.39 24.70
C ASP A 457 15.85 -8.86 23.47
N ASP A 458 14.53 -9.01 23.61
CA ASP A 458 13.68 -9.47 22.52
C ASP A 458 13.58 -8.47 21.37
N GLU A 459 14.10 -7.25 21.55
CA GLU A 459 14.04 -6.23 20.51
C GLU A 459 15.40 -5.95 19.87
N ALA A 460 16.46 -6.64 20.30
CA ALA A 460 17.77 -6.48 19.68
C ALA A 460 17.74 -7.05 18.27
N MET A 461 18.42 -6.36 17.35
CA MET A 461 18.40 -6.75 15.95
C MET A 461 19.24 -8.02 15.72
N HIS A 462 19.02 -8.65 14.56
CA HIS A 462 19.75 -9.83 14.15
C HIS A 462 20.81 -9.47 13.11
N TYR A 463 21.80 -10.36 12.95
CA TYR A 463 22.86 -10.16 11.97
C TYR A 463 22.34 -10.55 10.60
N ASP A 464 22.42 -9.63 9.64
CA ASP A 464 21.89 -9.85 8.30
C ASP A 464 23.08 -9.79 7.35
N ALA A 465 23.67 -10.96 7.09
CA ALA A 465 24.86 -11.05 6.26
C ALA A 465 24.60 -10.57 4.84
N ASP A 466 23.38 -10.78 4.33
CA ASP A 466 23.09 -10.33 2.96
C ASP A 466 23.03 -8.81 2.89
N TYR A 467 22.47 -8.16 3.92
CA TYR A 467 22.52 -6.69 3.94
C TYR A 467 23.96 -6.18 3.98
N ILE A 468 24.81 -6.77 4.82
CA ILE A 468 26.22 -6.38 4.85
C ILE A 468 26.84 -6.56 3.46
N ARG A 469 26.58 -7.69 2.80
CA ARG A 469 27.05 -7.89 1.43
C ARG A 469 26.61 -6.76 0.50
N ALA A 470 25.35 -6.34 0.59
CA ALA A 470 24.90 -5.24 -0.27
C ALA A 470 25.70 -3.98 0.03
N LEU A 471 25.94 -3.67 1.30
CA LEU A 471 26.76 -2.49 1.62
C LEU A 471 28.20 -2.64 1.09
N GLU A 472 28.71 -3.87 1.01
CA GLU A 472 30.07 -4.05 0.49
C GLU A 472 30.16 -3.78 -1.01
N TYR A 473 29.06 -3.95 -1.75
CA TYR A 473 29.07 -3.46 -3.14
C TYR A 473 29.15 -1.94 -3.19
N GLY A 474 28.79 -1.26 -2.09
CA GLY A 474 28.94 0.17 -1.95
C GLY A 474 27.62 0.91 -2.05
N MET A 475 27.24 1.63 -0.99
CA MET A 475 26.07 2.48 -1.01
C MET A 475 26.53 3.93 -0.97
N ALA A 476 25.94 4.76 -1.81
CA ALA A 476 26.18 6.19 -1.71
C ALA A 476 25.84 6.65 -0.30
N PRO A 477 26.51 7.70 0.19
CA PRO A 477 26.01 8.36 1.41
C PRO A 477 24.56 8.76 1.18
N THR A 478 23.73 8.59 2.20
CA THR A 478 22.28 8.62 2.00
C THR A 478 21.61 9.15 3.27
N GLY A 479 20.46 9.78 3.11
CA GLY A 479 19.61 10.14 4.24
C GLY A 479 18.30 9.38 4.17
N GLY A 480 17.77 8.98 5.33
CA GLY A 480 16.58 8.17 5.38
C GLY A 480 15.60 8.66 6.43
N LEU A 481 14.36 8.22 6.29
CA LEU A 481 13.25 8.81 7.03
C LEU A 481 12.12 7.81 7.21
N GLY A 482 11.48 7.85 8.38
CA GLY A 482 10.21 7.17 8.57
C GLY A 482 9.21 8.12 9.17
N ILE A 483 8.02 8.25 8.59
CA ILE A 483 6.94 9.04 9.18
C ILE A 483 5.81 8.11 9.60
N GLY A 484 5.37 8.25 10.83
CA GLY A 484 4.21 7.54 11.36
C GLY A 484 2.93 8.08 10.77
N VAL A 485 2.40 7.37 9.76
CA VAL A 485 1.24 7.87 9.04
C VAL A 485 0.00 7.92 9.95
N ASP A 486 -0.18 6.91 10.81
CA ASP A 486 -1.35 6.91 11.68
C ASP A 486 -1.32 8.10 12.63
N ARG A 487 -0.15 8.40 13.20
CA ARG A 487 -0.05 9.56 14.08
C ARG A 487 -0.15 10.87 13.31
N LEU A 488 0.37 10.92 12.08
CA LEU A 488 0.19 12.12 11.28
C LEU A 488 -1.29 12.39 11.01
N VAL A 489 -2.06 11.33 10.75
CA VAL A 489 -3.49 11.47 10.52
C VAL A 489 -4.21 11.87 11.79
N MET A 490 -3.78 11.30 12.94
CA MET A 490 -4.34 11.74 14.21
C MET A 490 -4.14 13.23 14.40
N LEU A 491 -2.92 13.71 14.15
CA LEU A 491 -2.61 15.13 14.30
C LEU A 491 -3.47 15.98 13.37
N LEU A 492 -3.52 15.63 12.09
CA LEU A 492 -4.16 16.50 11.13
C LEU A 492 -5.67 16.45 11.20
N THR A 493 -6.25 15.39 11.77
CA THR A 493 -7.70 15.32 11.97
C THR A 493 -8.13 15.68 13.39
N GLY A 494 -7.20 16.02 14.28
CA GLY A 494 -7.58 16.26 15.66
C GLY A 494 -8.15 15.05 16.36
N SER A 495 -7.65 13.85 16.06
CA SER A 495 -8.14 12.62 16.68
C SER A 495 -7.23 12.24 17.82
N SER A 496 -7.81 12.01 18.99
CA SER A 496 -6.97 11.73 20.16
C SER A 496 -6.63 10.25 20.32
N SER A 497 -7.32 9.35 19.59
CA SER A 497 -7.07 7.92 19.71
C SER A 497 -6.79 7.32 18.34
N ILE A 498 -5.79 6.43 18.27
CA ILE A 498 -5.50 5.76 17.00
C ILE A 498 -6.69 4.93 16.54
N ARG A 499 -7.52 4.46 17.48
CA ARG A 499 -8.70 3.70 17.09
C ARG A 499 -9.68 4.53 16.27
N ASP A 500 -9.56 5.85 16.27
CA ASP A 500 -10.46 6.68 15.47
C ASP A 500 -9.94 6.91 14.05
N VAL A 501 -8.69 6.56 13.74
CA VAL A 501 -8.15 6.74 12.39
C VAL A 501 -7.85 5.41 11.72
N LEU A 502 -8.13 4.29 12.37
CA LEU A 502 -8.03 2.96 11.78
C LEU A 502 -9.44 2.43 11.56
N LEU A 503 -9.73 1.98 10.33
CA LEU A 503 -11.06 1.46 10.07
C LEU A 503 -11.37 0.24 10.94
N PHE A 504 -10.41 -0.68 11.07
CA PHE A 504 -10.62 -1.92 11.85
C PHE A 504 -9.48 -2.12 12.83
N PRO A 505 -9.44 -1.34 13.92
CA PRO A 505 -8.37 -1.52 14.89
C PRO A 505 -8.50 -2.88 15.59
N TYR A 506 -7.37 -3.38 16.07
CA TYR A 506 -7.39 -4.65 16.80
C TYR A 506 -8.08 -4.45 18.14
N MET A 507 -8.93 -5.39 18.51
CA MET A 507 -9.67 -5.29 19.76
C MET A 507 -9.39 -6.47 20.68
N ASP B 19 40.20 -16.14 -6.82
CA ASP B 19 39.97 -15.05 -7.76
C ASP B 19 39.21 -13.90 -7.09
N GLU B 20 37.89 -14.03 -6.97
CA GLU B 20 37.09 -12.94 -6.42
C GLU B 20 37.49 -12.62 -4.98
N ASN B 21 37.75 -13.64 -4.17
CA ASN B 21 38.18 -13.39 -2.79
C ASN B 21 39.49 -12.61 -2.74
N LYS B 22 40.35 -12.77 -3.75
CA LYS B 22 41.57 -11.98 -3.81
C LYS B 22 41.26 -10.51 -4.12
N LEU B 23 40.34 -10.27 -5.06
CA LEU B 23 39.98 -8.89 -5.41
C LEU B 23 39.37 -8.17 -4.22
N ILE B 24 38.57 -8.88 -3.43
CA ILE B 24 37.91 -8.27 -2.28
C ILE B 24 38.94 -7.82 -1.26
N ALA B 25 39.87 -8.72 -0.91
CA ALA B 25 40.96 -8.38 0.00
C ALA B 25 41.71 -7.15 -0.49
N GLU B 26 42.01 -7.10 -1.79
CA GLU B 26 42.72 -5.94 -2.33
C GLU B 26 41.92 -4.66 -2.13
N ARG B 27 40.60 -4.72 -2.31
CA ARG B 27 39.80 -3.51 -2.11
C ARG B 27 39.72 -3.14 -0.63
N ARG B 28 39.79 -4.12 0.28
CA ARG B 28 39.83 -3.81 1.70
C ARG B 28 41.14 -3.11 2.07
N GLU B 29 42.25 -3.56 1.49
CA GLU B 29 43.52 -2.86 1.71
C GLU B 29 43.45 -1.42 1.21
N LYS B 30 42.82 -1.19 0.06
CA LYS B 30 42.59 0.18 -0.38
C LYS B 30 41.78 0.96 0.64
N LEU B 31 40.72 0.35 1.19
CA LEU B 31 39.91 1.01 2.20
C LEU B 31 40.72 1.29 3.48
N LYS B 32 41.56 0.34 3.89
CA LYS B 32 42.41 0.55 5.06
C LYS B 32 43.29 1.78 4.89
N ALA B 33 43.96 1.91 3.74
CA ALA B 33 44.73 3.12 3.48
C ALA B 33 43.84 4.35 3.45
N LEU B 34 42.60 4.21 2.96
CA LEU B 34 41.68 5.33 2.90
C LEU B 34 41.31 5.83 4.30
N ARG B 35 41.07 4.92 5.25
CA ARG B 35 40.76 5.33 6.61
C ARG B 35 41.92 6.07 7.27
N GLY B 36 43.16 5.76 6.88
CA GLY B 36 44.31 6.44 7.46
C GLY B 36 44.48 7.85 6.92
N GLN B 37 43.98 8.12 5.72
CA GLN B 37 44.03 9.46 5.16
C GLN B 37 42.88 10.36 5.62
N GLY B 38 41.82 9.80 6.18
CA GLY B 38 40.70 10.65 6.59
C GLY B 38 39.42 9.84 6.76
N ILE B 39 38.30 10.52 6.56
CA ILE B 39 36.98 9.91 6.68
C ILE B 39 36.72 9.13 5.39
N ALA B 40 36.64 7.80 5.49
CA ALA B 40 36.53 6.99 4.28
C ALA B 40 35.14 7.01 3.68
N TYR B 41 34.11 7.27 4.49
CA TYR B 41 32.71 7.29 4.04
C TYR B 41 32.12 8.67 4.30
N PRO B 42 32.54 9.69 3.55
CA PRO B 42 32.01 11.03 3.79
C PRO B 42 30.58 11.16 3.27
N ASN B 43 29.87 12.18 3.77
CA ASN B 43 28.48 12.36 3.39
C ASN B 43 28.16 13.83 3.13
N ASP B 44 29.17 14.61 2.74
CA ASP B 44 29.04 16.05 2.59
C ASP B 44 29.05 16.51 1.13
N PHE B 45 28.56 15.70 0.20
CA PHE B 45 28.47 16.13 -1.20
C PHE B 45 27.01 16.31 -1.58
N ARG B 46 26.63 17.52 -2.00
CA ARG B 46 25.28 17.78 -2.48
C ARG B 46 25.21 17.52 -3.98
N ARG B 47 24.54 16.43 -4.38
CA ARG B 47 24.36 16.15 -5.79
C ARG B 47 23.22 17.00 -6.35
N GLU B 48 23.45 17.60 -7.53
CA GLU B 48 22.49 18.51 -8.12
C GLU B 48 22.02 18.12 -9.51
N ASP B 49 22.85 17.49 -10.32
CA ASP B 49 22.53 17.21 -11.72
C ASP B 49 22.48 15.71 -11.96
N PHE B 50 21.63 15.30 -12.90
CA PHE B 50 21.35 13.90 -13.17
C PHE B 50 21.73 13.56 -14.62
N ALA B 51 22.45 12.44 -14.80
CA ALA B 51 23.00 12.08 -16.11
C ALA B 51 21.92 12.02 -17.19
N GLY B 52 20.79 11.35 -16.91
CA GLY B 52 19.77 11.19 -17.93
C GLY B 52 19.08 12.49 -18.28
N ARG B 53 18.90 13.38 -17.30
CA ARG B 53 18.33 14.68 -17.61
C ARG B 53 19.29 15.50 -18.49
N LEU B 54 20.60 15.43 -18.23
CA LEU B 54 21.55 16.11 -19.10
C LEU B 54 21.57 15.50 -20.49
N GLN B 55 21.50 14.17 -20.61
CA GLN B 55 21.51 13.56 -21.93
C GLN B 55 20.31 14.03 -22.74
N GLU B 56 19.15 14.14 -22.10
CA GLU B 56 17.96 14.63 -22.81
C GLU B 56 18.12 16.10 -23.18
N GLU B 57 18.59 16.93 -22.24
CA GLU B 57 18.66 18.36 -22.49
C GLU B 57 19.61 18.69 -23.64
N PHE B 58 20.70 17.93 -23.76
CA PHE B 58 21.72 18.21 -24.76
C PHE B 58 21.78 17.11 -25.83
N ALA B 59 20.63 16.50 -26.13
CA ALA B 59 20.59 15.37 -27.07
C ALA B 59 20.92 15.79 -28.49
N ASP B 60 20.65 17.05 -28.85
CA ASP B 60 20.88 17.55 -30.21
C ASP B 60 22.36 17.91 -30.35
N ALA B 61 23.15 16.99 -30.91
CA ALA B 61 24.59 17.22 -31.06
C ALA B 61 24.92 18.17 -32.20
N GLU B 62 23.98 18.41 -33.12
CA GLU B 62 24.21 19.42 -34.15
C GLU B 62 24.22 20.82 -33.55
N THR B 63 23.28 21.09 -32.65
CA THR B 63 23.26 22.36 -31.91
C THR B 63 24.30 22.37 -30.81
N TRP B 64 24.38 21.30 -30.02
CA TRP B 64 25.27 21.26 -28.86
C TRP B 64 26.53 20.46 -29.20
N THR B 65 27.34 21.08 -30.06
CA THR B 65 28.68 20.60 -30.34
C THR B 65 29.56 20.78 -29.11
N ALA B 66 30.77 20.22 -29.19
CA ALA B 66 31.71 20.40 -28.08
C ALA B 66 31.99 21.87 -27.84
N GLU B 67 32.21 22.64 -28.91
CA GLU B 67 32.49 24.06 -28.75
C GLU B 67 31.30 24.80 -28.12
N ALA B 68 30.09 24.45 -28.53
CA ALA B 68 28.90 25.10 -27.98
C ALA B 68 28.74 24.80 -26.49
N LEU B 69 28.93 23.54 -26.10
CA LEU B 69 28.76 23.18 -24.69
C LEU B 69 29.82 23.85 -23.81
N GLU B 70 31.07 23.88 -24.27
CA GLU B 70 32.11 24.53 -23.49
C GLU B 70 31.87 26.03 -23.40
N GLY B 71 31.33 26.63 -24.45
CA GLY B 71 31.06 28.06 -24.43
C GLY B 71 29.88 28.43 -23.55
N ASN B 72 28.93 27.51 -23.39
CA ASN B 72 27.70 27.80 -22.65
C ASN B 72 27.94 28.07 -21.18
N GLY B 73 29.05 27.58 -20.60
CA GLY B 73 29.32 27.87 -19.21
C GLY B 73 28.48 27.13 -18.19
N ARG B 74 27.61 26.23 -18.65
CA ARG B 74 26.87 25.37 -17.72
C ARG B 74 27.83 24.55 -16.88
N GLN B 75 27.63 24.55 -15.56
CA GLN B 75 28.40 23.72 -14.64
C GLN B 75 27.49 22.67 -14.02
N VAL B 76 28.03 21.47 -13.83
CA VAL B 76 27.25 20.38 -13.26
C VAL B 76 27.96 19.86 -12.03
N LYS B 77 27.16 19.23 -11.18
CA LYS B 77 27.61 18.70 -9.89
C LYS B 77 26.87 17.38 -9.70
N MET B 78 27.57 16.27 -9.92
CA MET B 78 26.99 14.95 -10.10
C MET B 78 27.73 13.93 -9.24
N ALA B 79 27.07 12.79 -9.05
CA ALA B 79 27.73 11.64 -8.45
C ALA B 79 27.11 10.39 -9.03
N GLY B 80 27.90 9.33 -9.09
CA GLY B 80 27.38 8.07 -9.59
C GLY B 80 28.38 6.97 -9.40
N ARG B 81 27.96 5.76 -9.74
CA ARG B 81 28.82 4.59 -9.67
C ARG B 81 29.75 4.55 -10.87
N LEU B 82 31.03 4.29 -10.62
CA LEU B 82 32.05 4.22 -11.66
C LEU B 82 31.89 2.91 -12.41
N MET B 83 31.44 2.99 -13.67
CA MET B 83 31.17 1.79 -14.47
C MET B 83 32.31 1.42 -15.40
N ALA B 84 33.18 2.35 -15.78
CA ALA B 84 34.29 2.04 -16.68
C ALA B 84 35.31 3.16 -16.60
N LYS B 85 36.55 2.80 -16.93
CA LYS B 85 37.69 3.71 -16.96
C LYS B 85 38.47 3.47 -18.24
N ARG B 86 39.01 4.55 -18.82
CA ARG B 86 39.93 4.44 -19.96
C ARG B 86 41.11 5.35 -19.63
N ILE B 87 42.22 4.74 -19.22
CA ILE B 87 43.41 5.48 -18.84
C ILE B 87 44.32 5.56 -20.05
N MET B 88 44.43 6.77 -20.62
CA MET B 88 45.22 7.02 -21.82
C MET B 88 46.63 7.51 -21.51
N GLY B 89 46.92 7.83 -20.27
CA GLY B 89 48.19 8.43 -19.91
C GLY B 89 47.90 9.66 -19.07
N LYS B 90 48.30 10.84 -19.57
CA LYS B 90 48.04 12.09 -18.87
C LYS B 90 46.55 12.44 -18.78
N ALA B 91 45.70 11.77 -19.57
CA ALA B 91 44.27 12.02 -19.54
C ALA B 91 43.54 10.68 -19.56
N SER B 92 42.30 10.70 -19.08
CA SER B 92 41.48 9.49 -18.98
C SER B 92 40.03 9.81 -19.30
N PHE B 93 39.30 8.77 -19.66
CA PHE B 93 37.84 8.79 -19.70
C PHE B 93 37.30 7.89 -18.61
N ALA B 94 36.09 8.20 -18.16
CA ALA B 94 35.38 7.39 -17.19
C ALA B 94 33.90 7.49 -17.52
N GLN B 95 33.14 6.48 -17.09
CA GLN B 95 31.69 6.51 -17.21
C GLN B 95 31.08 6.30 -15.83
N ILE B 96 30.12 7.15 -15.46
CA ILE B 96 29.40 6.96 -14.22
C ILE B 96 27.93 6.72 -14.51
N GLN B 97 27.26 6.09 -13.55
CA GLN B 97 25.84 5.77 -13.66
C GLN B 97 25.16 6.23 -12.38
N ASP B 98 24.19 7.13 -12.50
CA ASP B 98 23.35 7.45 -11.37
C ASP B 98 21.97 6.82 -11.62
N GLU B 99 20.95 7.29 -10.90
CA GLU B 99 19.62 6.67 -11.04
C GLU B 99 18.99 6.96 -12.39
N SER B 100 19.46 7.97 -13.11
CA SER B 100 18.77 8.42 -14.31
C SER B 100 19.45 7.98 -15.60
N GLY B 101 20.65 7.42 -15.54
CA GLY B 101 21.37 7.08 -16.74
C GLY B 101 22.88 7.17 -16.52
N ARG B 102 23.61 7.33 -17.62
CA ARG B 102 25.07 7.37 -17.59
C ARG B 102 25.57 8.60 -18.32
N ILE B 103 26.81 8.97 -18.00
CA ILE B 103 27.49 10.08 -18.66
C ILE B 103 28.98 9.81 -18.63
N GLN B 104 29.68 10.29 -19.65
CA GLN B 104 31.13 10.22 -19.68
C GLN B 104 31.74 11.34 -18.83
N LEU B 105 32.92 11.08 -18.29
CA LEU B 105 33.73 12.10 -17.67
C LEU B 105 35.06 12.17 -18.41
N PHE B 106 35.59 13.37 -18.57
CA PHE B 106 36.92 13.59 -19.15
C PHE B 106 37.85 14.12 -18.08
N LEU B 107 38.95 13.40 -17.82
CA LEU B 107 39.84 13.71 -16.72
C LEU B 107 41.23 14.01 -17.25
N GLN B 108 41.80 15.12 -16.81
CA GLN B 108 43.13 15.57 -17.20
C GLN B 108 43.99 15.73 -15.96
N GLY B 109 45.14 15.06 -15.95
CA GLY B 109 46.05 15.19 -14.82
C GLY B 109 46.52 16.62 -14.61
N ALA B 110 46.71 17.38 -15.70
CA ALA B 110 47.15 18.77 -15.56
C ALA B 110 46.12 19.65 -14.87
N VAL B 111 44.86 19.26 -14.91
CA VAL B 111 43.81 20.00 -14.21
C VAL B 111 43.57 19.45 -12.80
N LEU B 112 43.62 18.13 -12.63
CA LEU B 112 43.14 17.52 -11.39
C LEU B 112 44.26 17.14 -10.42
N GLY B 113 45.50 17.07 -10.88
CA GLY B 113 46.63 16.86 -9.97
C GLY B 113 46.50 15.58 -9.17
N ASP B 114 46.62 15.71 -7.84
CA ASP B 114 46.58 14.53 -6.97
C ASP B 114 45.28 13.76 -7.09
N ALA B 115 44.18 14.42 -7.42
CA ALA B 115 42.92 13.70 -7.60
C ALA B 115 42.93 12.81 -8.83
N TYR B 116 43.76 13.14 -9.82
CA TYR B 116 43.92 12.26 -10.98
C TYR B 116 44.69 11.00 -10.60
N THR B 117 45.72 11.16 -9.77
CA THR B 117 46.42 10.00 -9.23
C THR B 117 45.48 9.11 -8.43
N ALA B 118 44.62 9.72 -7.61
CA ALA B 118 43.62 8.93 -6.89
C ALA B 118 42.71 8.18 -7.85
N PHE B 119 42.22 8.88 -8.89
CA PHE B 119 41.33 8.26 -9.87
C PHE B 119 41.95 7.01 -10.48
N LYS B 120 43.24 7.04 -10.78
CA LYS B 120 43.88 5.88 -11.40
C LYS B 120 43.82 4.66 -10.48
N GLY B 121 43.75 4.87 -9.17
CA GLY B 121 43.61 3.77 -8.23
C GLY B 121 42.20 3.35 -7.88
N TRP B 122 41.18 4.09 -8.32
CA TRP B 122 39.82 3.68 -8.00
C TRP B 122 39.42 2.46 -8.82
N ASP B 123 38.32 1.83 -8.41
CA ASP B 123 37.85 0.60 -9.02
C ASP B 123 36.44 0.80 -9.55
N VAL B 124 36.14 0.06 -10.63
CA VAL B 124 34.78 -0.02 -11.10
C VAL B 124 33.89 -0.49 -9.96
N GLY B 125 32.80 0.25 -9.70
CA GLY B 125 31.95 0.01 -8.55
C GLY B 125 32.03 1.11 -7.50
N ASP B 126 33.17 1.81 -7.39
CA ASP B 126 33.29 2.90 -6.43
C ASP B 126 32.27 3.99 -6.77
N ILE B 127 31.82 4.70 -5.73
CA ILE B 127 30.87 5.81 -5.88
C ILE B 127 31.67 7.11 -5.83
N ILE B 128 31.63 7.89 -6.90
CA ILE B 128 32.45 9.09 -6.99
C ILE B 128 31.58 10.31 -7.28
N ALA B 129 32.12 11.48 -6.93
CA ALA B 129 31.47 12.76 -7.18
C ALA B 129 32.36 13.61 -8.09
N VAL B 130 31.73 14.45 -8.90
CA VAL B 130 32.47 15.22 -9.89
C VAL B 130 31.75 16.55 -10.13
N GLU B 131 32.55 17.60 -10.38
CA GLU B 131 32.03 18.90 -10.79
C GLU B 131 32.81 19.39 -12.00
N GLY B 132 32.13 20.07 -12.90
CA GLY B 132 32.82 20.64 -14.05
C GLY B 132 31.85 21.12 -15.10
N GLY B 133 32.42 21.55 -16.22
CA GLY B 133 31.65 21.95 -17.38
C GLY B 133 31.31 20.77 -18.26
N LEU B 134 30.68 21.07 -19.39
CA LEU B 134 30.23 20.07 -20.36
C LEU B 134 31.04 20.16 -21.65
N THR B 135 31.17 19.02 -22.32
CA THR B 135 31.80 18.94 -23.63
C THR B 135 31.26 17.71 -24.33
N ARG B 136 31.81 17.40 -25.50
CA ARG B 136 31.40 16.23 -26.26
C ARG B 136 32.63 15.51 -26.79
N THR B 137 32.65 14.18 -26.70
CA THR B 137 33.81 13.43 -27.15
C THR B 137 33.86 13.38 -28.67
N LYS B 138 35.00 12.88 -29.18
CA LYS B 138 35.21 12.80 -30.64
C LYS B 138 34.17 11.89 -31.29
N THR B 139 33.69 10.88 -30.57
CA THR B 139 32.67 9.97 -31.07
C THR B 139 31.25 10.43 -30.74
N GLY B 140 31.07 11.69 -30.32
CA GLY B 140 29.75 12.27 -30.13
C GLY B 140 29.14 12.17 -28.74
N GLU B 141 29.83 11.60 -27.76
CA GLU B 141 29.24 11.40 -26.44
C GLU B 141 29.31 12.66 -25.59
N LEU B 142 28.19 13.02 -24.97
CA LEU B 142 28.20 14.06 -23.94
C LEU B 142 29.13 13.68 -22.80
N SER B 143 29.91 14.65 -22.33
CA SER B 143 30.91 14.38 -21.31
C SER B 143 31.02 15.57 -20.36
N VAL B 144 31.33 15.26 -19.10
CA VAL B 144 31.71 16.29 -18.13
C VAL B 144 33.21 16.51 -18.25
N LYS B 145 33.62 17.78 -18.36
CA LYS B 145 35.02 18.14 -18.24
C LYS B 145 35.28 18.36 -16.75
N ALA B 146 35.94 17.40 -16.14
CA ALA B 146 36.02 17.35 -14.68
C ALA B 146 37.00 18.41 -14.17
N GLU B 147 36.51 19.36 -13.38
CA GLU B 147 37.36 20.31 -12.68
C GLU B 147 37.74 19.81 -11.30
N SER B 148 36.92 18.96 -10.71
CA SER B 148 37.10 18.46 -9.36
C SER B 148 36.47 17.07 -9.31
N ILE B 149 37.11 16.14 -8.60
CA ILE B 149 36.57 14.78 -8.52
C ILE B 149 36.99 14.16 -7.18
N ARG B 150 36.15 13.29 -6.62
CA ARG B 150 36.48 12.71 -5.32
C ARG B 150 35.73 11.40 -5.11
N LEU B 151 36.30 10.56 -4.26
CA LEU B 151 35.71 9.27 -3.92
C LEU B 151 34.75 9.44 -2.74
N LEU B 152 33.51 8.98 -2.90
CA LEU B 152 32.57 9.02 -1.79
C LEU B 152 32.41 7.68 -1.08
N THR B 153 32.34 6.56 -1.83
CA THR B 153 32.19 5.23 -1.24
C THR B 153 33.11 4.26 -1.96
N LYS B 154 34.01 3.61 -1.21
CA LYS B 154 34.81 2.53 -1.76
C LYS B 154 33.96 1.26 -1.88
N SER B 155 33.92 0.66 -3.07
CA SER B 155 33.30 -0.64 -3.20
C SER B 155 34.30 -1.73 -2.80
N LEU B 156 33.82 -2.71 -2.03
CA LEU B 156 34.68 -3.81 -1.63
C LEU B 156 34.46 -5.08 -2.45
N ARG B 157 33.34 -5.17 -3.18
CA ARG B 157 33.05 -6.34 -3.99
C ARG B 157 32.97 -5.93 -5.46
N PRO B 158 33.71 -6.59 -6.35
CA PRO B 158 33.65 -6.20 -7.77
C PRO B 158 32.30 -6.54 -8.38
N LEU B 159 31.89 -5.72 -9.34
CA LEU B 159 30.67 -6.01 -10.08
C LEU B 159 30.86 -7.21 -10.99
N PRO B 160 29.81 -7.98 -11.24
CA PRO B 160 29.92 -9.09 -12.19
C PRO B 160 30.15 -8.58 -13.61
N ASP B 161 30.96 -9.34 -14.36
CA ASP B 161 31.30 -9.01 -15.74
C ASP B 161 30.10 -9.14 -16.67
N ASP B 168 24.76 -17.80 -11.66
CA ASP B 168 23.52 -18.33 -12.23
C ASP B 168 22.54 -17.20 -12.60
N VAL B 169 21.45 -17.57 -13.27
CA VAL B 169 20.38 -16.62 -13.58
C VAL B 169 19.53 -16.30 -12.37
N GLU B 170 19.65 -17.06 -11.29
CA GLU B 170 18.92 -16.81 -10.06
C GLU B 170 19.60 -15.76 -9.18
N GLN B 171 20.82 -15.36 -9.51
CA GLN B 171 21.50 -14.32 -8.73
C GLN B 171 20.94 -12.93 -9.00
N ARG B 172 20.33 -12.72 -10.17
CA ARG B 172 19.65 -11.45 -10.43
C ARG B 172 18.51 -11.20 -9.46
N TYR B 173 17.98 -12.25 -8.83
CA TYR B 173 16.87 -12.12 -7.89
C TYR B 173 17.31 -12.21 -6.43
N ARG B 174 18.30 -13.06 -6.13
CA ARG B 174 18.89 -13.07 -4.79
C ARG B 174 19.80 -11.87 -4.56
N GLN B 175 20.19 -11.17 -5.63
CA GLN B 175 20.94 -9.92 -5.53
C GLN B 175 20.37 -8.91 -6.52
N ARG B 176 19.10 -8.54 -6.29
CA ARG B 176 18.50 -7.44 -7.05
C ARG B 176 19.38 -6.19 -7.01
N TYR B 177 20.07 -5.95 -5.90
CA TYR B 177 20.90 -4.74 -5.81
C TYR B 177 22.07 -4.80 -6.79
N VAL B 178 22.52 -6.00 -7.16
CA VAL B 178 23.55 -6.08 -8.19
C VAL B 178 22.92 -5.91 -9.57
N ASP B 179 21.79 -6.57 -9.81
CA ASP B 179 21.21 -6.56 -11.15
C ASP B 179 20.70 -5.19 -11.56
N LEU B 180 20.17 -4.40 -10.61
CA LEU B 180 19.78 -3.03 -10.95
C LEU B 180 20.97 -2.18 -11.42
N ILE B 181 22.19 -2.52 -10.99
CA ILE B 181 23.37 -1.79 -11.43
C ILE B 181 23.76 -2.20 -12.85
N VAL B 182 23.90 -3.51 -13.09
CA VAL B 182 24.54 -3.97 -14.32
C VAL B 182 23.53 -4.28 -15.42
N THR B 183 22.24 -4.37 -15.09
CA THR B 183 21.16 -4.49 -16.07
C THR B 183 20.23 -3.29 -15.89
N PRO B 184 20.70 -2.07 -16.16
CA PRO B 184 19.90 -0.90 -15.80
C PRO B 184 18.61 -0.79 -16.57
N GLU B 185 18.48 -1.49 -17.71
CA GLU B 185 17.20 -1.57 -18.40
C GLU B 185 16.11 -2.23 -17.55
N SER B 186 16.48 -3.00 -16.52
CA SER B 186 15.43 -3.53 -15.64
C SER B 186 14.81 -2.44 -14.79
N ARG B 187 15.54 -1.36 -14.52
CA ARG B 187 14.97 -0.24 -13.77
C ARG B 187 13.69 0.28 -14.42
N ALA B 188 13.66 0.31 -15.75
CA ALA B 188 12.50 0.83 -16.45
C ALA B 188 11.25 0.00 -16.18
N VAL B 189 11.40 -1.30 -15.94
CA VAL B 189 10.23 -2.12 -15.63
C VAL B 189 9.64 -1.69 -14.28
N PHE B 190 10.50 -1.42 -13.30
CA PHE B 190 10.01 -1.06 -11.99
C PHE B 190 9.48 0.36 -11.95
N ILE B 191 10.08 1.25 -12.73
CA ILE B 191 9.50 2.58 -12.85
C ILE B 191 8.12 2.52 -13.49
N LYS B 192 7.98 1.71 -14.55
CA LYS B 192 6.67 1.59 -15.18
C LYS B 192 5.67 0.91 -14.25
N ARG B 193 6.12 -0.07 -13.46
CA ARG B 193 5.24 -0.67 -12.46
C ARG B 193 4.66 0.39 -11.55
N SER B 194 5.50 1.32 -11.09
CA SER B 194 5.04 2.40 -10.22
CA SER B 194 5.01 2.38 -10.21
C SER B 194 4.06 3.32 -10.93
N LYS B 195 4.35 3.65 -12.20
CA LYS B 195 3.44 4.51 -12.96
C LYS B 195 2.10 3.82 -13.21
N ILE B 196 2.11 2.50 -13.38
CA ILE B 196 0.86 1.77 -13.59
C ILE B 196 -0.03 1.87 -12.36
N ILE B 197 0.54 1.64 -11.18
CA ILE B 197 -0.26 1.69 -9.97
C ILE B 197 -0.75 3.11 -9.72
N ARG B 198 0.09 4.09 -10.00
CA ARG B 198 -0.32 5.47 -9.80
C ARG B 198 -1.43 5.85 -10.79
N ALA B 199 -1.34 5.37 -12.04
CA ALA B 199 -2.37 5.67 -13.02
C ALA B 199 -3.69 5.02 -12.62
N MET B 200 -3.62 3.81 -12.06
CA MET B 200 -4.84 3.15 -11.60
C MET B 200 -5.49 3.93 -10.46
N ARG B 201 -4.68 4.41 -9.50
CA ARG B 201 -5.25 5.20 -8.41
C ARG B 201 -5.90 6.49 -8.94
N ALA B 202 -5.26 7.15 -9.92
CA ALA B 202 -5.85 8.39 -10.46
C ALA B 202 -7.16 8.09 -11.18
N TRP B 203 -7.21 7.01 -11.95
CA TRP B 203 -8.43 6.61 -12.65
C TRP B 203 -9.57 6.39 -11.66
N LEU B 204 -9.30 5.67 -10.58
CA LEU B 204 -10.34 5.40 -9.57
C LEU B 204 -10.66 6.63 -8.75
N ASP B 205 -9.64 7.37 -8.31
CA ASP B 205 -9.88 8.58 -7.53
C ASP B 205 -10.73 9.58 -8.31
N ASN B 206 -10.46 9.72 -9.61
CA ASN B 206 -11.24 10.63 -10.45
C ASN B 206 -12.68 10.18 -10.62
N ARG B 207 -12.97 8.91 -10.33
CA ARG B 207 -14.35 8.42 -10.35
C ARG B 207 -14.91 8.29 -8.94
N ASP B 208 -14.32 9.00 -7.98
CA ASP B 208 -14.87 9.16 -6.64
C ASP B 208 -14.93 7.84 -5.88
N PHE B 209 -14.00 6.93 -6.15
CA PHE B 209 -13.76 5.81 -5.27
C PHE B 209 -12.80 6.23 -4.16
N LEU B 210 -13.05 5.76 -2.95
CA LEU B 210 -12.23 6.10 -1.78
C LEU B 210 -11.22 4.99 -1.53
N GLU B 211 -9.94 5.33 -1.51
CA GLU B 211 -8.91 4.33 -1.21
C GLU B 211 -8.88 4.10 0.29
N VAL B 212 -8.99 2.83 0.71
CA VAL B 212 -9.01 2.49 2.13
C VAL B 212 -7.92 1.47 2.44
N GLU B 213 -7.66 1.33 3.75
CA GLU B 213 -6.73 0.36 4.30
C GLU B 213 -7.49 -0.56 5.23
N THR B 214 -7.41 -1.87 4.99
CA THR B 214 -8.03 -2.81 5.90
C THR B 214 -6.94 -3.73 6.48
N PRO B 215 -7.23 -4.51 7.53
CA PRO B 215 -6.16 -5.27 8.18
C PRO B 215 -5.51 -6.30 7.26
N MET B 216 -4.22 -6.53 7.50
CA MET B 216 -3.45 -7.61 6.89
CA MET B 216 -3.51 -7.63 6.85
C MET B 216 -3.53 -8.92 7.68
N MET B 217 -3.89 -8.84 8.94
CA MET B 217 -4.05 -10.03 9.78
C MET B 217 -5.53 -10.17 10.10
N HIS B 218 -6.06 -11.38 9.90
CA HIS B 218 -7.48 -11.68 10.06
C HIS B 218 -7.67 -12.74 11.15
N TYR B 219 -8.80 -12.66 11.85
CA TYR B 219 -9.17 -13.75 12.75
C TYR B 219 -9.60 -14.98 11.97
N ILE B 220 -10.16 -14.79 10.79
CA ILE B 220 -10.65 -15.89 9.97
C ILE B 220 -10.22 -15.63 8.53
N PRO B 221 -9.49 -16.54 7.89
CA PRO B 221 -9.08 -16.29 6.50
C PRO B 221 -10.27 -16.47 5.56
N GLY B 222 -10.64 -15.40 4.86
CA GLY B 222 -11.78 -15.44 3.96
C GLY B 222 -11.51 -14.64 2.71
N GLY B 223 -12.46 -14.71 1.78
CA GLY B 223 -12.43 -13.89 0.57
C GLY B 223 -11.70 -14.52 -0.60
N ALA B 224 -11.09 -15.68 -0.42
CA ALA B 224 -10.40 -16.39 -1.49
C ALA B 224 -10.18 -17.82 -1.01
N ALA B 225 -10.02 -18.72 -1.97
CA ALA B 225 -9.76 -20.14 -1.68
C ALA B 225 -8.27 -20.36 -1.83
N ALA B 226 -7.53 -20.22 -0.73
CA ALA B 226 -6.08 -20.30 -0.73
C ALA B 226 -5.62 -20.70 0.66
N LYS B 227 -4.52 -21.45 0.72
CA LYS B 227 -3.98 -21.85 2.02
C LYS B 227 -3.26 -20.66 2.65
N PRO B 228 -3.57 -20.33 3.90
CA PRO B 228 -3.04 -19.10 4.49
C PRO B 228 -1.78 -19.35 5.32
N PHE B 229 -1.03 -18.29 5.54
CA PHE B 229 -0.03 -18.27 6.61
C PHE B 229 -0.72 -17.98 7.94
N THR B 230 -0.21 -18.61 8.99
CA THR B 230 -0.74 -18.41 10.33
CA THR B 230 -0.74 -18.41 10.33
C THR B 230 0.34 -17.82 11.22
N THR B 231 -0.08 -16.95 12.15
CA THR B 231 0.85 -16.35 13.10
C THR B 231 0.14 -16.22 14.45
N HIS B 232 0.88 -15.76 15.44
CA HIS B 232 0.40 -15.78 16.82
C HIS B 232 0.72 -14.45 17.48
N HIS B 233 -0.28 -13.83 18.10
CA HIS B 233 -0.07 -12.66 18.95
C HIS B 233 0.17 -13.17 20.37
N ASN B 234 1.42 -13.08 20.82
CA ASN B 234 1.78 -13.74 22.07
C ASN B 234 1.07 -13.12 23.27
N ALA B 235 0.92 -11.80 23.29
CA ALA B 235 0.31 -11.15 24.45
C ALA B 235 -1.14 -11.55 24.62
N LEU B 236 -1.90 -11.64 23.52
CA LEU B 236 -3.30 -11.99 23.58
C LEU B 236 -3.54 -13.50 23.48
N ASP B 237 -2.49 -14.30 23.32
CA ASP B 237 -2.60 -15.74 23.05
C ASP B 237 -3.69 -15.98 22.00
N LEU B 238 -3.41 -15.47 20.80
CA LEU B 238 -4.40 -15.42 19.73
C LEU B 238 -3.73 -15.83 18.43
N ASP B 239 -4.27 -16.85 17.78
CA ASP B 239 -3.84 -17.19 16.44
C ASP B 239 -4.46 -16.25 15.43
N LEU B 240 -3.67 -15.83 14.46
CA LEU B 240 -4.13 -14.94 13.41
C LEU B 240 -3.67 -15.49 12.07
N TYR B 241 -4.32 -15.01 11.01
CA TYR B 241 -4.03 -15.42 9.64
C TYR B 241 -3.65 -14.20 8.82
N LEU B 242 -2.56 -14.31 8.06
CA LEU B 242 -2.27 -13.30 7.07
C LEU B 242 -3.36 -13.39 6.01
N ARG B 243 -3.87 -12.24 5.58
CA ARG B 243 -5.07 -12.25 4.74
C ARG B 243 -4.80 -12.91 3.39
N VAL B 244 -5.78 -13.67 2.90
CA VAL B 244 -5.73 -14.14 1.53
C VAL B 244 -6.43 -13.17 0.59
N ALA B 245 -7.24 -12.25 1.12
CA ALA B 245 -7.96 -11.23 0.37
C ALA B 245 -8.61 -10.27 1.37
N PRO B 246 -8.79 -9.00 1.01
CA PRO B 246 -9.52 -8.07 1.90
C PRO B 246 -11.03 -8.07 1.72
N GLU B 247 -11.58 -8.93 0.84
CA GLU B 247 -12.96 -8.82 0.38
C GLU B 247 -13.97 -8.67 1.53
N LEU B 248 -13.90 -9.51 2.56
CA LEU B 248 -14.96 -9.50 3.55
C LEU B 248 -14.90 -8.26 4.44
N TYR B 249 -13.72 -7.65 4.56
CA TYR B 249 -13.61 -6.39 5.27
C TYR B 249 -14.12 -5.24 4.42
N LEU B 250 -13.85 -5.27 3.12
CA LEU B 250 -14.32 -4.18 2.26
C LEU B 250 -15.84 -4.14 2.18
N LYS B 251 -16.51 -5.30 2.13
CA LYS B 251 -17.98 -5.27 2.10
C LYS B 251 -18.57 -4.83 3.44
N ARG B 252 -17.86 -5.04 4.55
CA ARG B 252 -18.31 -4.43 5.80
C ARG B 252 -18.36 -2.91 5.67
N LEU B 253 -17.44 -2.33 4.91
CA LEU B 253 -17.47 -0.88 4.70
C LEU B 253 -18.65 -0.46 3.83
N THR B 254 -19.01 -1.29 2.84
CA THR B 254 -20.21 -1.04 2.06
C THR B 254 -21.45 -0.99 2.96
N VAL B 255 -21.58 -1.98 3.85
CA VAL B 255 -22.64 -1.96 4.87
C VAL B 255 -22.60 -0.66 5.63
N GLY B 256 -21.41 -0.22 6.04
CA GLY B 256 -21.25 1.02 6.80
C GLY B 256 -21.62 2.27 6.03
N GLY B 257 -21.73 2.18 4.71
CA GLY B 257 -22.04 3.33 3.91
C GLY B 257 -20.87 3.96 3.19
N LEU B 258 -19.71 3.30 3.15
CA LEU B 258 -18.64 3.69 2.24
C LEU B 258 -18.90 2.93 0.94
N GLU B 259 -19.69 3.55 0.06
CA GLU B 259 -20.34 2.83 -1.03
C GLU B 259 -19.47 2.69 -2.27
N ARG B 260 -18.32 3.36 -2.33
CA ARG B 260 -17.38 3.26 -3.45
CA ARG B 260 -17.37 3.25 -3.44
C ARG B 260 -15.97 3.25 -2.85
N VAL B 261 -15.38 2.05 -2.70
CA VAL B 261 -14.07 1.91 -2.05
C VAL B 261 -13.19 1.02 -2.91
N TYR B 262 -11.88 1.17 -2.74
CA TYR B 262 -10.91 0.24 -3.31
C TYR B 262 -9.67 0.16 -2.42
N GLU B 263 -8.86 -0.87 -2.65
CA GLU B 263 -7.64 -1.07 -1.88
C GLU B 263 -6.64 -1.77 -2.78
N ILE B 264 -5.41 -1.28 -2.82
CA ILE B 264 -4.34 -1.92 -3.58
C ILE B 264 -3.28 -2.32 -2.58
N ASN B 265 -3.12 -3.62 -2.35
CA ASN B 265 -2.11 -4.02 -1.36
C ASN B 265 -1.92 -5.53 -1.43
N ARG B 266 -1.07 -6.03 -0.53
CA ARG B 266 -0.61 -7.42 -0.51
C ARG B 266 -1.68 -8.37 0.01
N ASN B 267 -1.70 -9.57 -0.57
CA ASN B 267 -2.30 -10.77 0.00
C ASN B 267 -1.19 -11.81 0.12
N PHE B 268 -1.49 -12.89 0.84
CA PHE B 268 -0.49 -13.88 1.20
C PHE B 268 -1.04 -15.28 0.96
N ARG B 269 -0.27 -16.14 0.28
CA ARG B 269 -0.65 -17.53 0.00
C ARG B 269 0.47 -18.45 0.44
N ASN B 270 0.13 -19.52 1.16
CA ASN B 270 1.11 -20.43 1.74
C ASN B 270 0.99 -21.77 1.02
N GLU B 271 1.56 -21.82 -0.18
CA GLU B 271 1.30 -22.92 -1.11
C GLU B 271 2.61 -23.52 -1.60
N GLY B 272 2.55 -24.23 -2.73
CA GLY B 272 3.65 -25.06 -3.17
C GLY B 272 4.80 -24.28 -3.78
N VAL B 273 5.94 -24.96 -3.90
CA VAL B 273 7.15 -24.36 -4.47
C VAL B 273 6.89 -24.08 -5.94
N SER B 274 6.87 -22.80 -6.30
CA SER B 274 6.58 -22.40 -7.67
C SER B 274 7.56 -21.33 -8.10
N THR B 275 7.96 -21.39 -9.37
CA THR B 275 8.77 -20.33 -9.97
C THR B 275 7.92 -19.27 -10.64
N ARG B 276 6.61 -19.49 -10.75
CA ARG B 276 5.70 -18.56 -11.42
C ARG B 276 4.79 -17.81 -10.48
N HIS B 277 4.70 -18.23 -9.21
CA HIS B 277 3.79 -17.63 -8.25
C HIS B 277 4.56 -17.31 -6.98
N ASN B 278 4.47 -16.08 -6.54
CA ASN B 278 5.14 -15.56 -5.35
C ASN B 278 4.20 -15.69 -4.15
N PRO B 279 4.69 -16.03 -2.95
CA PRO B 279 3.75 -16.16 -1.81
C PRO B 279 3.13 -14.84 -1.38
N GLU B 280 3.71 -13.70 -1.74
CA GLU B 280 3.12 -12.37 -1.58
C GLU B 280 2.77 -11.82 -2.95
N PHE B 281 1.59 -11.22 -3.07
CA PHE B 281 1.19 -10.68 -4.36
C PHE B 281 0.24 -9.50 -4.14
N THR B 282 0.18 -8.63 -5.13
CA THR B 282 -0.53 -7.36 -4.99
C THR B 282 -1.84 -7.44 -5.79
N MET B 283 -2.93 -7.07 -5.13
CA MET B 283 -4.26 -7.11 -5.72
C MET B 283 -4.90 -5.75 -5.53
N MET B 284 -5.64 -5.30 -6.53
CA MET B 284 -6.58 -4.21 -6.33
C MET B 284 -7.96 -4.83 -6.16
N GLU B 285 -8.64 -4.49 -5.07
CA GLU B 285 -10.04 -4.87 -4.90
C GLU B 285 -10.90 -3.62 -4.85
N LEU B 286 -12.12 -3.71 -5.37
CA LEU B 286 -13.00 -2.56 -5.47
C LEU B 286 -14.44 -2.99 -5.25
N TYR B 287 -15.23 -2.16 -4.58
CA TYR B 287 -16.66 -2.43 -4.35
C TYR B 287 -17.47 -1.18 -4.67
N GLU B 288 -18.50 -1.34 -5.50
CA GLU B 288 -19.36 -0.23 -5.94
C GLU B 288 -20.81 -0.60 -5.67
N ALA B 289 -21.42 0.06 -4.68
CA ALA B 289 -22.84 -0.18 -4.44
C ALA B 289 -23.67 0.16 -5.67
N TYR B 290 -24.71 -0.64 -5.90
CA TYR B 290 -25.70 -0.49 -6.97
C TYR B 290 -25.15 -0.80 -8.35
N ALA B 291 -24.02 -1.51 -8.43
CA ALA B 291 -23.56 -2.05 -9.70
C ALA B 291 -23.77 -3.57 -9.74
N THR B 292 -23.85 -4.13 -10.96
CA THR B 292 -23.83 -5.57 -11.19
C THR B 292 -22.55 -5.94 -11.92
N TYR B 293 -22.38 -7.25 -12.19
CA TYR B 293 -21.15 -7.68 -12.87
C TYR B 293 -21.04 -7.12 -14.29
N ASN B 294 -22.17 -6.72 -14.89
CA ASN B 294 -22.13 -6.03 -16.18
C ASN B 294 -21.37 -4.71 -16.09
N GLU B 295 -21.75 -3.85 -15.14
CA GLU B 295 -21.03 -2.58 -14.91
C GLU B 295 -19.62 -2.82 -14.41
N ILE B 296 -19.39 -3.85 -13.60
CA ILE B 296 -18.02 -4.09 -13.12
C ILE B 296 -17.11 -4.48 -14.28
N MET B 297 -17.61 -5.28 -15.22
CA MET B 297 -16.81 -5.59 -16.41
C MET B 297 -16.49 -4.33 -17.21
N ASP B 298 -17.50 -3.45 -17.41
CA ASP B 298 -17.25 -2.17 -18.06
C ASP B 298 -16.09 -1.44 -17.38
N LEU B 299 -16.16 -1.34 -16.05
CA LEU B 299 -15.12 -0.65 -15.29
C LEU B 299 -13.77 -1.34 -15.49
N THR B 300 -13.75 -2.67 -15.38
CA THR B 300 -12.50 -3.45 -15.49
C THR B 300 -11.79 -3.21 -16.83
N GLU B 301 -12.52 -3.31 -17.95
CA GLU B 301 -11.83 -3.06 -19.21
C GLU B 301 -11.51 -1.59 -19.38
N GLY B 302 -12.36 -0.70 -18.86
CA GLY B 302 -12.06 0.73 -18.91
C GLY B 302 -10.75 1.11 -18.23
N VAL B 303 -10.55 0.65 -16.99
CA VAL B 303 -9.33 1.04 -16.27
C VAL B 303 -8.10 0.37 -16.87
N ILE B 304 -8.23 -0.90 -17.27
CA ILE B 304 -7.06 -1.58 -17.85
C ILE B 304 -6.63 -0.91 -19.15
N ARG B 305 -7.59 -0.63 -20.04
CA ARG B 305 -7.30 0.04 -21.31
C ARG B 305 -6.73 1.45 -21.08
N ASP B 306 -7.33 2.22 -20.16
CA ASP B 306 -6.86 3.59 -19.97
C ASP B 306 -5.49 3.64 -19.33
N VAL B 307 -5.22 2.73 -18.39
CA VAL B 307 -3.90 2.67 -17.78
C VAL B 307 -2.85 2.28 -18.83
N ALA B 308 -3.20 1.33 -19.71
CA ALA B 308 -2.29 0.95 -20.79
C ALA B 308 -1.93 2.16 -21.66
N LYS B 309 -2.93 2.96 -22.03
CA LYS B 309 -2.67 4.16 -22.84
C LYS B 309 -1.84 5.18 -22.09
N ALA B 310 -2.04 5.29 -20.78
CA ALA B 310 -1.29 6.27 -20.00
C ALA B 310 0.19 5.91 -19.90
N VAL B 311 0.51 4.62 -19.73
CA VAL B 311 1.91 4.25 -19.49
C VAL B 311 2.63 3.78 -20.75
N ASN B 312 1.89 3.31 -21.76
CA ASN B 312 2.50 2.84 -23.00
C ASN B 312 2.21 3.72 -24.20
N GLY B 313 1.24 4.64 -24.12
CA GLY B 313 0.91 5.48 -25.26
C GLY B 313 0.02 4.80 -26.28
N GLY B 314 -0.55 3.65 -25.94
CA GLY B 314 -1.39 2.92 -26.87
C GLY B 314 -1.86 1.64 -26.22
N THR B 315 -2.68 0.89 -26.95
CA THR B 315 -3.39 -0.25 -26.39
C THR B 315 -2.80 -1.59 -26.79
N GLU B 316 -1.72 -1.60 -27.59
CA GLU B 316 -1.13 -2.85 -28.03
C GLU B 316 0.07 -3.19 -27.17
N VAL B 317 0.28 -4.48 -26.93
CA VAL B 317 1.47 -4.92 -26.24
C VAL B 317 1.81 -6.33 -26.71
N GLU B 318 3.10 -6.66 -26.69
CA GLU B 318 3.55 -8.01 -26.96
C GLU B 318 3.92 -8.67 -25.63
N TRP B 319 3.31 -9.82 -25.36
CA TRP B 319 3.47 -10.50 -24.07
C TRP B 319 3.67 -11.96 -24.36
N ASP B 320 4.86 -12.47 -24.03
CA ASP B 320 5.14 -13.90 -24.13
C ASP B 320 4.91 -14.40 -25.54
N GLY B 321 5.28 -13.59 -26.53
CA GLY B 321 5.11 -13.92 -27.93
C GLY B 321 3.77 -13.53 -28.53
N ALA B 322 2.74 -13.30 -27.71
CA ALA B 322 1.42 -12.96 -28.21
C ALA B 322 1.27 -11.45 -28.40
N LYS B 323 0.67 -11.07 -29.51
CA LYS B 323 0.37 -9.66 -29.77
C LYS B 323 -1.06 -9.38 -29.27
N ILE B 324 -1.16 -8.66 -28.16
CA ILE B 324 -2.42 -8.37 -27.49
C ILE B 324 -2.86 -6.96 -27.85
N ASP B 325 -4.12 -6.78 -28.21
CA ASP B 325 -4.67 -5.44 -28.38
C ASP B 325 -5.79 -5.23 -27.38
N LEU B 326 -5.61 -4.25 -26.48
CA LEU B 326 -6.60 -3.91 -25.47
C LEU B 326 -7.65 -2.91 -25.96
N GLY B 327 -7.51 -2.40 -27.18
CA GLY B 327 -8.41 -1.38 -27.68
C GLY B 327 -9.85 -1.85 -27.92
N PRO B 328 -10.03 -2.88 -28.74
CA PRO B 328 -11.39 -3.38 -29.00
C PRO B 328 -12.06 -3.81 -27.71
N ALA B 329 -13.39 -3.64 -27.67
CA ALA B 329 -14.19 -4.14 -26.55
C ALA B 329 -13.83 -5.59 -26.26
N PHE B 330 -13.63 -5.88 -24.98
CA PHE B 330 -13.28 -7.24 -24.57
C PHE B 330 -14.43 -8.19 -24.92
N ARG B 331 -14.09 -9.42 -25.30
CA ARG B 331 -15.14 -10.42 -25.51
C ARG B 331 -15.76 -10.81 -24.17
N ARG B 332 -17.07 -11.11 -24.21
CA ARG B 332 -17.82 -11.62 -23.06
C ARG B 332 -18.47 -12.93 -23.50
N TRP B 333 -18.07 -14.03 -22.86
CA TRP B 333 -18.40 -15.38 -23.32
C TRP B 333 -18.78 -16.23 -22.11
N ARG B 334 -19.95 -16.88 -22.17
CA ARG B 334 -20.35 -17.74 -21.05
C ARG B 334 -19.41 -18.93 -20.93
N MET B 335 -19.13 -19.34 -19.68
CA MET B 335 -18.28 -20.52 -19.48
C MET B 335 -18.85 -21.76 -20.15
N ASP B 336 -20.17 -21.99 -20.04
CA ASP B 336 -20.73 -23.21 -20.61
C ASP B 336 -20.68 -23.17 -22.15
N GLU B 337 -20.90 -21.99 -22.75
CA GLU B 337 -20.78 -21.87 -24.20
C GLU B 337 -19.34 -22.10 -24.66
N ALA B 338 -18.37 -21.51 -23.94
CA ALA B 338 -16.97 -21.68 -24.30
C ALA B 338 -16.55 -23.15 -24.19
N VAL B 339 -17.01 -23.83 -23.13
CA VAL B 339 -16.76 -25.26 -22.98
C VAL B 339 -17.35 -26.02 -24.16
N ARG B 340 -18.60 -25.71 -24.52
CA ARG B 340 -19.24 -26.45 -25.62
C ARG B 340 -18.54 -26.18 -26.95
N HIS B 341 -18.09 -24.93 -27.18
CA HIS B 341 -17.37 -24.66 -28.43
C HIS B 341 -16.13 -25.54 -28.56
N HIS B 342 -15.36 -25.67 -27.47
CA HIS B 342 -14.11 -26.43 -27.53
C HIS B 342 -14.31 -27.92 -27.29
N ASN B 343 -15.52 -28.35 -26.90
CA ASN B 343 -15.82 -29.76 -26.67
C ASN B 343 -17.14 -30.07 -27.35
N PRO B 344 -17.13 -30.26 -28.67
CA PRO B 344 -18.40 -30.40 -29.41
C PRO B 344 -19.23 -31.60 -29.00
N GLU B 345 -18.61 -32.61 -28.39
CA GLU B 345 -19.29 -33.78 -27.86
C GLU B 345 -20.10 -33.49 -26.60
N ILE B 346 -20.04 -32.27 -26.08
CA ILE B 346 -20.81 -31.87 -24.90
C ILE B 346 -22.03 -31.10 -25.38
N SER B 347 -23.21 -31.58 -25.02
CA SER B 347 -24.45 -30.91 -25.38
C SER B 347 -24.80 -29.86 -24.33
N ALA B 348 -25.81 -29.05 -24.64
CA ALA B 348 -26.25 -28.03 -23.69
C ALA B 348 -26.85 -28.66 -22.44
N ALA B 349 -27.53 -29.78 -22.61
CA ALA B 349 -28.08 -30.51 -21.47
C ALA B 349 -26.97 -31.08 -20.60
N ASP B 350 -25.91 -31.58 -21.21
CA ASP B 350 -24.80 -32.16 -20.46
C ASP B 350 -24.16 -31.15 -19.49
N CYS B 351 -24.29 -29.85 -19.76
CA CYS B 351 -23.55 -28.86 -18.98
C CYS B 351 -23.99 -28.82 -17.52
N THR B 352 -25.23 -29.18 -17.23
CA THR B 352 -25.72 -29.25 -15.86
C THR B 352 -26.00 -30.69 -15.44
N ASP B 353 -25.47 -31.66 -16.17
CA ASP B 353 -25.75 -33.08 -15.99
C ASP B 353 -24.47 -33.72 -15.44
N ARG B 354 -24.46 -33.99 -14.13
CA ARG B 354 -23.22 -34.42 -13.47
C ARG B 354 -22.71 -35.73 -14.07
N ASP B 355 -23.60 -36.68 -14.35
CA ASP B 355 -23.16 -37.96 -14.88
C ASP B 355 -22.56 -37.78 -16.27
N ALA B 356 -23.16 -36.94 -17.11
CA ALA B 356 -22.58 -36.67 -18.43
C ALA B 356 -21.20 -36.05 -18.29
N LEU B 357 -21.03 -35.10 -17.37
CA LEU B 357 -19.74 -34.43 -17.24
C LEU B 357 -18.67 -35.35 -16.66
N LEU B 358 -19.05 -36.28 -15.77
CA LEU B 358 -18.11 -37.28 -15.30
C LEU B 358 -17.55 -38.08 -16.48
N ARG B 359 -18.45 -38.50 -17.39
CA ARG B 359 -18.04 -39.23 -18.59
C ARG B 359 -17.02 -38.44 -19.39
N HIS B 360 -17.30 -37.15 -19.64
CA HIS B 360 -16.38 -36.31 -20.39
C HIS B 360 -15.06 -36.13 -19.65
N CYS B 361 -15.13 -35.91 -18.34
CA CYS B 361 -13.91 -35.75 -17.53
C CYS B 361 -13.04 -37.00 -17.59
N GLU B 362 -13.66 -38.17 -17.39
CA GLU B 362 -12.92 -39.41 -17.54
C GLU B 362 -12.26 -39.48 -18.91
N ARG B 363 -13.02 -39.14 -19.96
CA ARG B 363 -12.50 -39.16 -21.31
C ARG B 363 -11.38 -38.16 -21.51
N LEU B 364 -11.37 -37.07 -20.75
CA LEU B 364 -10.34 -36.04 -20.89
C LEU B 364 -9.19 -36.23 -19.91
N LYS B 365 -9.20 -37.32 -19.13
CA LYS B 365 -8.15 -37.61 -18.14
C LYS B 365 -8.11 -36.54 -17.06
N ILE B 366 -9.28 -36.03 -16.68
CA ILE B 366 -9.39 -35.00 -15.65
C ILE B 366 -9.72 -35.71 -14.34
N ARG B 367 -8.80 -35.62 -13.38
CA ARG B 367 -9.01 -36.28 -12.09
C ARG B 367 -10.16 -35.61 -11.35
N VAL B 368 -11.11 -36.41 -10.88
CA VAL B 368 -12.32 -35.91 -10.24
C VAL B 368 -12.46 -36.52 -8.84
N LYS B 369 -13.06 -35.77 -7.95
CA LYS B 369 -13.43 -36.23 -6.62
C LYS B 369 -14.93 -36.55 -6.58
N PRO B 370 -15.37 -37.41 -5.65
CA PRO B 370 -16.80 -37.76 -5.63
C PRO B 370 -17.68 -36.64 -5.13
N SER B 371 -17.11 -35.65 -4.45
CA SER B 371 -17.84 -34.51 -3.92
C SER B 371 -18.13 -33.44 -4.97
N TYR B 372 -17.67 -33.64 -6.21
CA TYR B 372 -17.80 -32.64 -7.26
C TYR B 372 -19.19 -32.69 -7.88
N GLY B 373 -19.90 -31.57 -7.87
CA GLY B 373 -21.15 -31.46 -8.59
C GLY B 373 -20.92 -31.05 -10.03
N TRP B 374 -22.02 -30.93 -10.78
CA TRP B 374 -21.90 -30.57 -12.20
C TRP B 374 -21.09 -29.29 -12.36
N GLY B 375 -21.29 -28.33 -11.45
CA GLY B 375 -20.65 -27.03 -11.62
C GLY B 375 -19.14 -27.09 -11.49
N LYS B 376 -18.64 -27.83 -10.50
CA LYS B 376 -17.20 -28.03 -10.36
C LYS B 376 -16.63 -28.80 -11.56
N LEU B 377 -17.36 -29.81 -12.04
CA LEU B 377 -16.92 -30.56 -13.21
C LEU B 377 -16.83 -29.66 -14.44
N LEU B 378 -17.81 -28.78 -14.63
CA LEU B 378 -17.76 -27.86 -15.75
C LEU B 378 -16.53 -26.96 -15.65
N LEU B 379 -16.24 -26.44 -14.45
CA LEU B 379 -15.05 -25.61 -14.25
C LEU B 379 -13.78 -26.39 -14.57
N GLU B 380 -13.69 -27.65 -14.13
CA GLU B 380 -12.53 -28.47 -14.45
C GLU B 380 -12.34 -28.61 -15.95
N ILE B 381 -13.42 -28.86 -16.68
CA ILE B 381 -13.33 -28.98 -18.13
C ILE B 381 -12.91 -27.65 -18.74
N PHE B 382 -13.47 -26.54 -18.24
CA PHE B 382 -13.07 -25.22 -18.72
C PHE B 382 -11.57 -25.01 -18.54
N GLU B 383 -11.05 -25.36 -17.35
CA GLU B 383 -9.64 -25.11 -17.07
C GLU B 383 -8.73 -25.94 -17.97
N ALA B 384 -9.12 -27.19 -18.25
CA ALA B 384 -8.28 -28.08 -19.04
C ALA B 384 -8.38 -27.79 -20.54
N THR B 385 -9.53 -27.33 -21.03
CA THR B 385 -9.74 -27.32 -22.48
C THR B 385 -9.94 -25.93 -23.08
N VAL B 386 -10.23 -24.92 -22.27
CA VAL B 386 -10.62 -23.61 -22.78
C VAL B 386 -9.58 -22.54 -22.43
N GLU B 387 -9.17 -22.47 -21.16
CA GLU B 387 -8.59 -21.20 -20.72
C GLU B 387 -7.25 -20.91 -21.41
N HIS B 388 -6.49 -21.93 -21.85
CA HIS B 388 -5.23 -21.65 -22.52
C HIS B 388 -5.43 -21.06 -23.91
N THR B 389 -6.63 -21.14 -24.47
CA THR B 389 -6.94 -20.60 -25.79
C THR B 389 -7.42 -19.15 -25.76
N LEU B 390 -7.57 -18.55 -24.58
CA LEU B 390 -8.15 -17.21 -24.48
C LEU B 390 -7.00 -16.20 -24.54
N ILE B 391 -6.60 -15.82 -25.75
CA ILE B 391 -5.44 -14.97 -25.95
C ILE B 391 -5.84 -13.50 -25.87
N GLN B 392 -6.70 -13.07 -26.79
CA GLN B 392 -7.18 -11.69 -26.75
C GLN B 392 -8.10 -11.54 -25.54
N PRO B 393 -8.23 -10.32 -24.99
CA PRO B 393 -8.89 -10.15 -23.69
C PRO B 393 -10.34 -10.62 -23.73
N THR B 394 -10.67 -11.53 -22.81
CA THR B 394 -11.95 -12.22 -22.81
C THR B 394 -12.47 -12.34 -21.38
N PHE B 395 -13.66 -11.80 -21.13
CA PHE B 395 -14.39 -12.09 -19.89
C PHE B 395 -15.15 -13.40 -20.06
N ILE B 396 -14.86 -14.38 -19.21
CA ILE B 396 -15.64 -15.61 -19.12
C ILE B 396 -16.66 -15.42 -18.01
N THR B 397 -17.93 -15.62 -18.33
CA THR B 397 -18.99 -15.18 -17.44
C THR B 397 -19.88 -16.34 -16.97
N ASP B 398 -20.60 -16.09 -15.87
CA ASP B 398 -21.67 -16.95 -15.42
C ASP B 398 -21.12 -18.29 -14.90
N HIS B 399 -20.36 -18.23 -13.80
CA HIS B 399 -19.78 -19.41 -13.18
C HIS B 399 -20.84 -20.13 -12.34
N PRO B 400 -20.77 -21.45 -12.28
CA PRO B 400 -21.71 -22.19 -11.44
C PRO B 400 -21.61 -21.78 -9.98
N VAL B 401 -22.72 -21.92 -9.27
CA VAL B 401 -22.77 -21.50 -7.88
C VAL B 401 -21.86 -22.37 -7.02
N GLU B 402 -21.67 -23.64 -7.39
CA GLU B 402 -20.86 -24.55 -6.59
C GLU B 402 -19.44 -24.02 -6.40
N VAL B 403 -18.91 -23.27 -7.35
CA VAL B 403 -17.54 -22.80 -7.27
C VAL B 403 -17.47 -21.30 -7.00
N SER B 404 -18.58 -20.69 -6.59
CA SER B 404 -18.67 -19.23 -6.45
C SER B 404 -19.32 -18.87 -5.12
N PRO B 405 -18.64 -19.14 -4.00
CA PRO B 405 -19.30 -19.04 -2.69
C PRO B 405 -19.69 -17.62 -2.27
N LEU B 406 -19.13 -16.59 -2.89
CA LEU B 406 -19.41 -15.21 -2.49
C LEU B 406 -20.18 -14.43 -3.56
N ALA B 407 -20.53 -15.06 -4.67
CA ALA B 407 -21.18 -14.39 -5.79
C ALA B 407 -22.69 -14.59 -5.75
N ARG B 408 -23.41 -13.55 -6.13
CA ARG B 408 -24.87 -13.56 -6.13
C ARG B 408 -25.42 -14.52 -7.18
N ALA B 409 -26.35 -15.38 -6.77
CA ALA B 409 -26.98 -16.31 -7.70
C ALA B 409 -27.78 -15.56 -8.76
N ASN B 410 -27.82 -16.13 -9.95
CA ASN B 410 -28.59 -15.53 -11.04
C ASN B 410 -30.09 -15.68 -10.77
N ASP B 411 -30.85 -14.62 -11.07
CA ASP B 411 -32.28 -14.60 -10.79
C ASP B 411 -33.03 -15.66 -11.59
N ASN B 412 -32.57 -15.96 -12.81
CA ASN B 412 -33.34 -16.87 -13.65
C ASN B 412 -32.87 -18.32 -13.54
N ASP B 413 -31.60 -18.57 -13.22
CA ASP B 413 -31.11 -19.93 -12.99
C ASP B 413 -30.17 -19.93 -11.81
N PRO B 414 -30.69 -20.23 -10.60
CA PRO B 414 -29.85 -20.12 -9.39
C PRO B 414 -28.72 -21.16 -9.30
N GLY B 415 -28.61 -22.07 -10.27
CA GLY B 415 -27.40 -22.89 -10.35
C GLY B 415 -26.19 -22.15 -10.86
N TYR B 416 -26.37 -20.95 -11.42
CA TYR B 416 -25.27 -20.12 -11.90
C TYR B 416 -25.20 -18.84 -11.08
N THR B 417 -24.03 -18.20 -11.08
CA THR B 417 -23.87 -16.90 -10.44
C THR B 417 -23.44 -15.86 -11.47
N ASP B 418 -23.75 -14.59 -11.17
CA ASP B 418 -23.44 -13.47 -12.05
C ASP B 418 -21.99 -13.07 -11.79
N ARG B 419 -21.08 -13.84 -12.37
CA ARG B 419 -19.66 -13.75 -12.04
C ARG B 419 -18.86 -13.73 -13.34
N PHE B 420 -17.64 -13.22 -13.26
CA PHE B 420 -16.75 -13.26 -14.42
C PHE B 420 -15.32 -13.44 -13.95
N GLU B 421 -14.50 -13.93 -14.89
CA GLU B 421 -13.05 -13.87 -14.83
C GLU B 421 -12.53 -13.34 -16.15
N LEU B 422 -11.52 -12.48 -16.08
CA LEU B 422 -10.89 -11.92 -17.27
C LEU B 422 -9.61 -12.69 -17.58
N PHE B 423 -9.46 -13.10 -18.83
CA PHE B 423 -8.27 -13.83 -19.27
C PHE B 423 -7.59 -13.05 -20.39
N VAL B 424 -6.27 -12.99 -20.31
CA VAL B 424 -5.44 -12.42 -21.38
C VAL B 424 -4.28 -13.36 -21.57
N ASN B 425 -4.03 -13.76 -22.81
CA ASN B 425 -2.95 -14.70 -23.14
C ASN B 425 -3.03 -15.94 -22.25
N GLY B 426 -4.25 -16.43 -22.05
CA GLY B 426 -4.43 -17.63 -21.26
C GLY B 426 -4.27 -17.47 -19.76
N LYS B 427 -4.08 -16.24 -19.26
CA LYS B 427 -3.85 -15.99 -17.84
C LYS B 427 -5.00 -15.21 -17.23
N GLU B 428 -5.37 -15.59 -16.00
CA GLU B 428 -6.42 -14.86 -15.29
C GLU B 428 -5.85 -13.53 -14.78
N LEU B 429 -6.51 -12.44 -15.15
CA LEU B 429 -6.08 -11.09 -14.79
C LEU B 429 -7.01 -10.37 -13.82
N ALA B 430 -8.28 -10.75 -13.81
CA ALA B 430 -9.24 -10.12 -12.91
C ALA B 430 -10.39 -11.10 -12.71
N ASN B 431 -11.18 -10.80 -11.70
CA ASN B 431 -12.39 -11.56 -11.43
CA ASN B 431 -12.35 -11.61 -11.34
C ASN B 431 -13.29 -10.71 -10.58
N GLY B 432 -14.59 -10.86 -10.83
CA GLY B 432 -15.55 -10.02 -10.12
C GLY B 432 -16.94 -10.58 -10.25
N PHE B 433 -17.87 -9.98 -9.51
CA PHE B 433 -19.24 -10.47 -9.57
C PHE B 433 -20.20 -9.48 -8.93
N SER B 434 -21.47 -9.65 -9.27
CA SER B 434 -22.54 -9.15 -8.43
C SER B 434 -22.42 -9.80 -7.07
N GLU B 435 -22.45 -8.99 -6.02
CA GLU B 435 -22.10 -9.48 -4.69
C GLU B 435 -23.29 -10.15 -4.03
N LEU B 436 -23.02 -11.26 -3.35
CA LEU B 436 -24.04 -11.92 -2.55
C LEU B 436 -24.30 -11.09 -1.30
N ASN B 437 -25.48 -10.46 -1.20
CA ASN B 437 -25.80 -9.68 -0.01
C ASN B 437 -26.91 -10.31 0.81
N ASP B 438 -27.46 -11.44 0.37
CA ASP B 438 -28.45 -12.22 1.11
C ASP B 438 -27.74 -12.97 2.24
N PRO B 439 -27.94 -12.57 3.50
CA PRO B 439 -27.20 -13.21 4.59
C PRO B 439 -27.56 -14.67 4.79
N GLU B 440 -28.83 -15.04 4.56
CA GLU B 440 -29.20 -16.45 4.77
C GLU B 440 -28.56 -17.32 3.71
N ASP B 441 -28.56 -16.85 2.46
CA ASP B 441 -27.90 -17.56 1.38
C ASP B 441 -26.40 -17.66 1.66
N GLN B 442 -25.77 -16.57 2.10
CA GLN B 442 -24.34 -16.59 2.40
C GLN B 442 -24.02 -17.56 3.52
N ALA B 443 -24.85 -17.60 4.57
CA ALA B 443 -24.62 -18.54 5.65
C ALA B 443 -24.73 -19.97 5.17
N GLN B 444 -25.67 -20.26 4.28
CA GLN B 444 -25.81 -21.60 3.74
C GLN B 444 -24.56 -22.01 2.97
N ARG B 445 -24.06 -21.14 2.09
CA ARG B 445 -22.86 -21.46 1.34
C ARG B 445 -21.66 -21.63 2.26
N PHE B 446 -21.54 -20.78 3.29
CA PHE B 446 -20.48 -20.95 4.27
C PHE B 446 -20.55 -22.35 4.89
N GLN B 447 -21.76 -22.83 5.15
CA GLN B 447 -21.90 -24.16 5.75
C GLN B 447 -21.51 -25.26 4.78
N ALA B 448 -21.80 -25.09 3.49
CA ALA B 448 -21.34 -26.08 2.51
C ALA B 448 -19.83 -26.07 2.38
N GLN B 449 -19.18 -24.90 2.56
CA GLN B 449 -17.72 -24.85 2.53
C GLN B 449 -17.12 -25.55 3.74
N VAL B 450 -17.72 -25.36 4.92
CA VAL B 450 -17.26 -26.07 6.12
C VAL B 450 -17.39 -27.57 5.94
N ALA B 451 -18.45 -28.01 5.25
CA ALA B 451 -18.58 -29.42 4.93
C ALA B 451 -17.53 -29.88 3.94
N ALA B 452 -17.13 -29.01 3.00
CA ALA B 452 -16.12 -29.37 2.02
C ALA B 452 -14.73 -29.46 2.65
N LYS B 453 -14.44 -28.62 3.63
CA LYS B 453 -13.15 -28.69 4.31
C LYS B 453 -13.00 -29.99 5.09
N GLU B 454 -14.10 -30.53 5.61
CA GLU B 454 -14.06 -31.80 6.32
C GLU B 454 -13.68 -32.96 5.42
N GLY B 455 -13.90 -32.83 4.10
CA GLY B 455 -13.59 -33.86 3.15
C GLY B 455 -12.17 -33.88 2.63
N GLY B 456 -11.27 -33.11 3.24
CA GLY B 456 -9.90 -33.02 2.80
C GLY B 456 -9.59 -31.89 1.85
N ASP B 457 -10.31 -30.77 1.95
CA ASP B 457 -10.12 -29.61 1.07
C ASP B 457 -9.43 -28.52 1.86
N ASP B 458 -8.13 -28.33 1.61
CA ASP B 458 -7.35 -27.35 2.35
C ASP B 458 -7.65 -25.91 1.95
N GLU B 459 -8.48 -25.69 0.92
CA GLU B 459 -8.78 -24.35 0.44
C GLU B 459 -10.23 -23.94 0.65
N ALA B 460 -11.04 -24.79 1.28
CA ALA B 460 -12.43 -24.44 1.56
C ALA B 460 -12.49 -23.29 2.58
N MET B 461 -13.52 -22.46 2.45
CA MET B 461 -13.66 -21.29 3.28
C MET B 461 -14.17 -21.67 4.68
N HIS B 462 -14.06 -20.71 5.60
CA HIS B 462 -14.53 -20.87 6.97
C HIS B 462 -15.80 -20.06 7.20
N TYR B 463 -16.54 -20.42 8.24
CA TYR B 463 -17.73 -19.68 8.63
C TYR B 463 -17.33 -18.46 9.44
N ASP B 464 -17.64 -17.28 8.92
CA ASP B 464 -17.32 -15.99 9.54
C ASP B 464 -18.63 -15.40 10.05
N ALA B 465 -18.94 -15.67 11.32
CA ALA B 465 -20.22 -15.24 11.88
C ALA B 465 -20.34 -13.72 11.91
N ASP B 466 -19.25 -13.00 12.14
CA ASP B 466 -19.33 -11.55 12.21
C ASP B 466 -19.64 -10.95 10.85
N TYR B 467 -19.19 -11.60 9.78
CA TYR B 467 -19.53 -11.11 8.45
C TYR B 467 -21.00 -11.34 8.12
N ILE B 468 -21.55 -12.50 8.51
CA ILE B 468 -22.98 -12.72 8.37
C ILE B 468 -23.75 -11.64 9.10
N ARG B 469 -23.26 -11.27 10.30
CA ARG B 469 -23.93 -10.26 11.11
C ARG B 469 -23.94 -8.91 10.41
N ALA B 470 -22.82 -8.53 9.80
CA ALA B 470 -22.77 -7.31 8.99
C ALA B 470 -23.80 -7.37 7.86
N LEU B 471 -23.89 -8.50 7.15
CA LEU B 471 -24.91 -8.62 6.11
C LEU B 471 -26.32 -8.54 6.69
N GLU B 472 -26.51 -8.98 7.93
CA GLU B 472 -27.83 -8.88 8.54
C GLU B 472 -28.21 -7.43 8.83
N TYR B 473 -27.25 -6.54 9.07
CA TYR B 473 -27.56 -5.12 9.14
C TYR B 473 -28.03 -4.57 7.80
N GLY B 474 -27.66 -5.23 6.70
CA GLY B 474 -28.13 -4.84 5.40
C GLY B 474 -27.04 -4.24 4.53
N MET B 475 -26.70 -4.91 3.45
CA MET B 475 -25.79 -4.36 2.46
C MET B 475 -26.55 -4.03 1.19
N ALA B 476 -26.26 -2.85 0.63
CA ALA B 476 -26.85 -2.52 -0.66
C ALA B 476 -26.44 -3.59 -1.68
N PRO B 477 -27.27 -3.84 -2.69
CA PRO B 477 -26.76 -4.60 -3.86
C PRO B 477 -25.51 -3.90 -4.38
N THR B 478 -24.50 -4.71 -4.74
CA THR B 478 -23.14 -4.20 -4.93
C THR B 478 -22.46 -5.04 -6.00
N GLY B 479 -21.53 -4.42 -6.71
CA GLY B 479 -20.64 -5.12 -7.63
C GLY B 479 -19.21 -5.01 -7.11
N GLY B 480 -18.45 -6.11 -7.20
CA GLY B 480 -17.11 -6.14 -6.67
C GLY B 480 -16.11 -6.70 -7.67
N LEU B 481 -14.82 -6.43 -7.41
CA LEU B 481 -13.81 -6.64 -8.41
C LEU B 481 -12.46 -6.90 -7.77
N GLY B 482 -11.70 -7.85 -8.32
CA GLY B 482 -10.29 -7.96 -8.02
C GLY B 482 -9.45 -7.97 -9.29
N ILE B 483 -8.41 -7.15 -9.35
CA ILE B 483 -7.46 -7.14 -10.46
C ILE B 483 -6.10 -7.58 -9.92
N GLY B 484 -5.49 -8.56 -10.58
CA GLY B 484 -4.14 -9.00 -10.22
C GLY B 484 -3.10 -8.01 -10.74
N VAL B 485 -2.58 -7.16 -9.84
CA VAL B 485 -1.72 -6.07 -10.26
C VAL B 485 -0.40 -6.59 -10.82
N ASP B 486 0.15 -7.66 -10.23
CA ASP B 486 1.42 -8.18 -10.73
C ASP B 486 1.28 -8.68 -12.17
N ARG B 487 0.20 -9.44 -12.47
CA ARG B 487 -0.02 -9.89 -13.85
C ARG B 487 -0.38 -8.72 -14.76
N LEU B 488 -1.12 -7.72 -14.27
CA LEU B 488 -1.34 -6.53 -15.08
C LEU B 488 -0.01 -5.86 -15.45
N VAL B 489 0.91 -5.76 -14.49
CA VAL B 489 2.21 -5.17 -14.76
C VAL B 489 3.03 -6.05 -15.69
N MET B 490 2.95 -7.39 -15.52
CA MET B 490 3.60 -8.29 -16.46
C MET B 490 3.11 -8.05 -17.88
N LEU B 491 1.79 -7.91 -18.05
CA LEU B 491 1.22 -7.69 -19.38
C LEU B 491 1.70 -6.38 -19.98
N LEU B 492 1.57 -5.27 -19.24
CA LEU B 492 1.83 -3.96 -19.82
C LEU B 492 3.32 -3.68 -20.01
N THR B 493 4.21 -4.39 -19.29
CA THR B 493 5.65 -4.28 -19.48
C THR B 493 6.19 -5.36 -20.41
N GLY B 494 5.35 -6.28 -20.87
CA GLY B 494 5.84 -7.38 -21.68
C GLY B 494 6.78 -8.31 -20.96
N SER B 495 6.59 -8.51 -19.65
CA SER B 495 7.46 -9.36 -18.84
C SER B 495 6.86 -10.75 -18.72
N SER B 496 7.61 -11.77 -19.17
CA SER B 496 7.13 -13.14 -19.14
CA SER B 496 7.08 -13.13 -19.14
C SER B 496 7.15 -13.77 -17.76
N SER B 497 7.92 -13.21 -16.82
CA SER B 497 8.09 -13.82 -15.52
C SER B 497 7.73 -12.86 -14.40
N ILE B 498 7.01 -13.38 -13.40
CA ILE B 498 6.72 -12.63 -12.18
C ILE B 498 8.01 -12.09 -11.54
N ARG B 499 9.11 -12.80 -11.70
CA ARG B 499 10.34 -12.35 -11.03
C ARG B 499 10.89 -11.06 -11.63
N ASP B 500 10.46 -10.70 -12.85
CA ASP B 500 10.93 -9.47 -13.46
C ASP B 500 10.11 -8.25 -13.07
N VAL B 501 8.99 -8.42 -12.38
CA VAL B 501 8.17 -7.29 -11.96
C VAL B 501 8.08 -7.15 -10.45
N LEU B 502 8.78 -7.97 -9.69
CA LEU B 502 8.87 -7.86 -8.24
C LEU B 502 10.30 -7.50 -7.89
N LEU B 503 10.50 -6.45 -7.08
CA LEU B 503 11.86 -6.08 -6.74
C LEU B 503 12.57 -7.20 -6.00
N PHE B 504 11.88 -7.85 -5.06
CA PHE B 504 12.47 -8.91 -4.22
C PHE B 504 11.55 -10.13 -4.21
N PRO B 505 11.53 -10.90 -5.30
CA PRO B 505 10.72 -12.14 -5.31
C PRO B 505 11.30 -13.16 -4.33
N TYR B 506 10.42 -13.97 -3.75
CA TYR B 506 10.88 -15.01 -2.83
C TYR B 506 11.76 -16.01 -3.57
N MET B 507 12.89 -16.36 -2.96
CA MET B 507 13.80 -17.35 -3.52
C MET B 507 14.05 -18.44 -2.48
N ARG B 508 14.13 -19.68 -2.95
CA ARG B 508 14.39 -20.80 -2.04
C ARG B 508 15.76 -20.64 -1.39
N PRO B 509 15.87 -20.76 -0.07
CA PRO B 509 17.12 -20.60 0.70
C PRO B 509 18.29 -21.38 0.13
N LYS C . 13.07 2.03 10.07
CA LYS C . 12.76 3.27 10.79
C LYS C . 11.60 3.05 11.75
O LYS C . 10.99 1.97 11.75
CB LYS C . 12.41 4.41 9.83
CG LYS C . 13.56 4.85 8.91
CD LYS C . 14.69 5.51 9.71
CE LYS C . 15.80 6.02 8.80
NZ LYS C . 16.54 4.89 8.15
OXT LYS C . 11.24 3.92 12.54
C1 EDO D . 24.69 5.14 -6.02
O1 EDO D . 23.66 4.63 -6.87
C2 EDO D . 25.09 4.04 -5.04
O2 EDO D . 24.11 4.01 -4.00
C1 EDO E . 32.64 -6.70 7.56
O1 EDO E . 32.23 -8.02 7.17
C2 EDO E . 32.05 -5.69 6.58
O2 EDO E . 32.73 -5.74 5.32
C1 EDO F . 5.30 6.72 -9.64
O1 EDO F . 5.76 7.94 -10.21
C2 EDO F . 5.14 6.85 -8.13
O2 EDO F . 6.38 7.29 -7.55
C1 EDO G . 22.46 19.17 12.91
O1 EDO G . 22.88 20.38 12.28
C2 EDO G . 21.72 19.48 14.21
O2 EDO G . 20.43 19.99 13.91
C1 EDO H . 17.07 -10.88 0.52
O1 EDO H . 17.45 -12.03 -0.24
C2 EDO H . 17.24 -9.63 -0.33
O2 EDO H . 18.56 -9.54 -0.89
C1 EDO I . 7.72 6.86 13.42
O1 EDO I . 8.69 7.82 13.87
C2 EDO I . 6.69 6.57 14.52
O2 EDO I . 5.70 7.61 14.57
C1 EDO J . -4.68 -0.50 8.54
O1 EDO J . -5.05 0.89 8.63
C2 EDO J . -4.61 -1.08 9.95
O2 EDO J . -5.62 -2.07 10.12
C1 EDO K . 10.81 18.36 33.26
O1 EDO K . 9.81 17.43 32.84
C2 EDO K . 10.25 19.78 33.23
O2 EDO K . 11.31 20.72 33.39
C1 EDO L . -31.24 5.96 13.00
O1 EDO L . -31.17 7.39 12.89
C2 EDO L . -30.65 5.50 14.33
O2 EDO L . -31.70 5.08 15.19
C1 EDO M . -42.92 1.40 -6.93
O1 EDO M . -43.22 2.78 -6.66
C2 EDO M . -42.04 1.32 -8.18
O2 EDO M . -42.54 2.20 -9.18
C1 EDO N . 0.30 18.28 -1.45
O1 EDO N . 0.72 17.90 -2.76
C2 EDO N . 1.11 19.49 -1.00
O2 EDO N . 1.67 20.13 -2.15
C1 EDO O . -39.65 -4.09 13.53
O1 EDO O . -40.92 -4.45 12.98
C2 EDO O . -38.96 -5.33 14.09
O2 EDO O . -37.63 -4.98 14.47
C1 EDO P . -11.95 15.28 9.44
O1 EDO P . -11.09 15.81 10.45
C2 EDO P . -12.99 16.34 9.07
O2 EDO P . -12.80 16.73 7.71
C1 EDO Q . 9.91 8.55 -10.36
O1 EDO Q . 10.10 8.25 -11.75
C2 EDO Q . 8.82 9.62 -10.21
O2 EDO Q . 7.90 9.23 -9.18
C1 EDO R . 31.59 5.92 8.37
O1 EDO R . 30.68 6.89 8.89
C2 EDO R . 32.58 5.54 9.45
O2 EDO R . 32.22 4.26 9.97
C1 EDO S . -0.16 5.63 18.10
O1 EDO S . 0.12 4.33 18.63
C2 EDO S . -1.03 6.42 19.07
O2 EDO S . -0.24 7.42 19.76
C1 EDO T . -5.24 26.01 9.84
O1 EDO T . -4.79 27.36 10.02
C2 EDO T . -6.74 25.88 10.09
O2 EDO T . -7.44 26.16 8.88
C1 EDO U . -38.13 2.78 -8.11
O1 EDO U . -38.84 2.86 -6.87
C2 EDO U . -37.00 3.78 -8.11
O2 EDO U . -36.47 3.82 -9.45
C1 EDO V . 11.48 -12.34 0.67
O1 EDO V . 11.46 -11.84 2.01
C2 EDO V . 12.58 -11.59 -0.07
O2 EDO V . 12.75 -12.16 -1.36
C1 EDO W . 35.85 0.06 11.25
O1 EDO W . 36.13 -0.68 12.44
C2 EDO W . 34.44 0.64 11.36
O2 EDO W . 34.41 1.71 12.31
C1 EDO X . -46.00 5.16 -8.94
O1 EDO X . -46.58 5.16 -10.25
C2 EDO X . -46.56 3.99 -8.15
O2 EDO X . -45.92 3.94 -6.87
C1 EDO Y . 20.03 24.57 16.15
O1 EDO Y . 18.78 24.53 16.87
C2 EDO Y . 19.80 24.34 14.67
O2 EDO Y . 18.52 24.87 14.30
C1 EDO Z . -0.92 0.64 -0.75
O1 EDO Z . -1.35 1.00 -2.07
C2 EDO Z . 0.44 1.23 -0.42
O2 EDO Z . 0.52 2.65 -0.65
C1 EDO AA . -2.45 2.92 1.15
O1 EDO AA . -3.59 3.77 1.28
C2 EDO AA . -1.27 3.35 2.00
O2 EDO AA . -0.64 2.16 2.50
C1 EDO BA . -8.27 9.92 -2.60
O1 EDO BA . -9.44 10.61 -2.16
C2 EDO BA . -8.25 8.46 -2.18
O2 EDO BA . -9.25 7.73 -2.89
C1 EDO CA . 39.47 -1.24 6.23
O1 EDO CA . 39.27 -1.13 7.64
C2 EDO CA . 39.88 -2.65 5.87
O2 EDO CA . 38.97 -3.56 6.52
CL CL DA . -35.69 -14.34 -2.65
C1 EDO EA . -36.76 -15.83 5.10
O1 EDO EA . -35.70 -16.61 4.56
C2 EDO EA . -36.55 -15.68 6.60
O2 EDO EA . -35.96 -16.88 7.12
C1 EDO FA . 5.76 -6.82 -3.38
O1 EDO FA . 6.14 -6.60 -4.74
C2 EDO FA . 6.05 -8.26 -2.97
O2 EDO FA . 7.48 -8.43 -2.82
N LYS GA . -11.49 -11.59 -3.35
CA LYS GA . -11.38 -11.78 -4.80
C LYS GA . -10.03 -12.41 -5.10
O LYS GA . -9.25 -12.64 -4.19
CB LYS GA . -11.50 -10.45 -5.55
CG LYS GA . -12.88 -9.79 -5.48
CD LYS GA . -13.99 -10.71 -6.01
CE LYS GA . -15.31 -9.98 -6.04
NZ LYS GA . -15.89 -9.76 -4.68
OXT LYS GA . -9.75 -12.73 -6.25
C1 EDO HA . -25.99 1.40 1.79
O1 EDO HA . -24.98 2.24 2.37
C2 EDO HA . -25.89 0.00 2.40
O2 EDO HA . -24.74 -0.66 1.86
C1 EDO IA . -28.42 -15.55 8.04
O1 EDO IA . -29.08 -14.50 8.76
C2 EDO IA . -27.87 -16.62 8.98
O2 EDO IA . -28.96 -17.34 9.56
C1 EDO JA . -24.93 -14.15 13.16
O1 EDO JA . -26.25 -14.27 12.63
C2 EDO JA . -23.97 -15.02 12.34
O2 EDO JA . -24.52 -16.34 12.13
C1 EDO KA . -23.48 -10.74 -18.56
O1 EDO KA . -24.75 -10.43 -19.15
C2 EDO KA . -22.62 -11.54 -19.52
O2 EDO KA . -22.08 -10.68 -20.52
C1 EDO LA . -14.49 -6.96 11.45
O1 EDO LA . -15.70 -6.46 12.02
C2 EDO LA . -13.97 -8.14 12.27
O2 EDO LA . -13.56 -7.65 13.56
C1 EDO MA . -5.94 -12.72 -9.98
O1 EDO MA . -5.65 -12.19 -11.28
C2 EDO MA . -7.37 -12.35 -9.61
O2 EDO MA . -8.21 -12.44 -10.77
C1 EDO NA . 1.65 0.52 -3.44
O1 EDO NA . 2.60 0.93 -4.40
C2 EDO NA . 0.65 -0.51 -4.01
O2 EDO NA . 0.30 -1.37 -2.94
C1 EDO OA . 34.84 8.11 -24.64
O1 EDO OA . 34.58 8.47 -26.01
C2 EDO OA . 35.72 6.87 -24.60
O2 EDO OA . 35.09 5.80 -25.30
C1 EDO PA . -28.10 -10.38 -15.78
O1 EDO PA . -27.35 -9.42 -16.54
C2 EDO PA . -27.38 -11.72 -15.73
O2 EDO PA . -26.80 -12.03 -17.00
C1 EDO QA . 29.74 -3.21 -15.46
O1 EDO QA . 30.72 -2.22 -15.82
C2 EDO QA . 30.35 -4.60 -15.50
O2 EDO QA . 31.59 -4.61 -14.78
C1 EDO RA . -5.94 6.99 -17.14
O1 EDO RA . -6.94 7.93 -17.53
C2 EDO RA . -5.70 7.07 -15.63
O2 EDO RA . -4.70 8.05 -15.34
C1 EDO SA . 9.27 -1.45 -19.31
O1 EDO SA . 9.61 -0.16 -19.84
C2 EDO SA . 8.68 -2.29 -20.44
O2 EDO SA . 7.67 -1.53 -21.11
C1 EDO TA . -10.41 -19.56 3.09
O1 EDO TA . -10.46 -20.73 2.27
C2 EDO TA . -8.98 -19.10 3.21
O2 EDO TA . -8.11 -20.24 3.23
C1 EDO UA . -13.03 9.73 -2.54
O1 EDO UA . -13.21 10.86 -1.67
C2 EDO UA . -12.65 10.22 -3.94
O2 EDO UA . -11.36 9.69 -4.28
C1 EDO VA . -3.59 2.97 -29.86
O1 EDO VA . -2.97 1.70 -29.66
C2 EDO VA . -4.40 3.30 -28.63
O2 EDO VA . -4.42 4.71 -28.40
C1 EDO WA . 1.70 -14.64 -10.92
O1 EDO WA . 0.80 -14.96 -9.83
C2 EDO WA . 1.52 -15.64 -12.06
O2 EDO WA . 1.96 -15.06 -13.30
C1 EDO XA . 33.56 17.34 -6.43
O1 EDO XA . 32.49 18.08 -5.85
C2 EDO XA . 34.74 17.48 -5.48
O2 EDO XA . 35.79 16.61 -5.92
C1 EDO YA . 33.78 4.41 -22.00
O1 EDO YA . 32.57 3.72 -21.71
C2 EDO YA . 34.65 4.42 -20.75
O2 EDO YA . 34.79 5.77 -20.31
C1 EDO ZA . -32.20 -18.68 1.96
O1 EDO ZA . -32.86 -19.93 2.22
C2 EDO ZA . -31.27 -18.85 0.77
O2 EDO ZA . -31.90 -18.27 -0.39
C1 EDO AB . -22.21 -11.53 -25.32
O1 EDO AB . -20.89 -11.82 -25.82
C2 EDO AB . -22.19 -10.28 -24.46
O2 EDO AB . -21.22 -9.36 -24.98
C1 EDO BB . -22.73 -3.81 -20.90
O1 EDO BB . -21.83 -3.13 -21.78
C2 EDO BB . -23.53 -2.78 -20.12
O2 EDO BB . -23.25 -2.91 -18.72
C1 EDO CB . -3.12 -27.77 -20.57
O1 EDO CB . -4.39 -28.43 -20.72
C2 EDO CB . -2.65 -27.23 -21.91
O2 EDO CB . -1.42 -26.51 -21.72
CL CL DB . 36.93 6.12 8.46
#